data_6HK3
#
_entry.id   6HK3
#
_cell.length_a   64.318
_cell.length_b   67.117
_cell.length_c   67.238
_cell.angle_alpha   79.840
_cell.angle_beta   76.210
_cell.angle_gamma   89.630
#
_symmetry.space_group_name_H-M   'P 1'
#
loop_
_entity.id
_entity.type
_entity.pdbx_description
1 polymer 'Glycogen synthase kinase-3 beta'
2 polymer GLY-SER-HIS-GLY-HIS-HIS-HIS-HIS
3 non-polymer 3-azanyl-~{N}-(2-methoxyphenyl)-6-[4-(4-methylpiperazin-1-yl)sulfonylphenyl]pyrazine-2-carboxamide
4 non-polymer 'MALONATE ION'
5 non-polymer GLYCEROL
6 non-polymer 'CHLORIDE ION'
7 non-polymer 'DIMETHYL SULFOXIDE'
8 water water
#
loop_
_entity_poly.entity_id
_entity_poly.type
_entity_poly.pdbx_seq_one_letter_code
_entity_poly.pdbx_strand_id
1 'polypeptide(L)'
;SKVTTVVATPGQGPDRPQEVSYTDTKVIGNGSFGVVYQAKLCDSGELVAIKKVLQDKRFKNRELQIMRKLDHCNIVRLRY
FFYSSGEKKDEVYLNLVLDYVPETVYRVARHYSRAKQTLPVIYVKLYMYQLFRSLAYIHSFGICHRDIKPQNLLLDPDTA
VLKLCDFGSAKQLVRGEPNVS(PTR)ICSRYYRAPELIFGATDYTSSIDVWSAGCVLAELLLGQPIFPGDSGVDQLVEII
KVLGTPTREQIREMNPNYTEFKFPQIKAHPWTKVFRPRTPPEAIALCSRLLEYTPTARLTPLEACAHSFFDELRDPNVKL
PNGRDTPALFNFTTQELSSNPPLATILIPPHARI
;
A,B
2 'polypeptide(L)' GSHGHHHH N
#
# COMPACT_ATOMS: atom_id res chain seq x y z
N SER A 1 -20.49 -12.80 26.09
CA SER A 1 -21.45 -11.74 25.78
C SER A 1 -21.33 -10.58 26.78
N LYS A 2 -20.16 -9.95 26.78
CA LYS A 2 -19.92 -8.79 27.63
C LYS A 2 -20.55 -7.54 27.02
N VAL A 3 -21.09 -6.68 27.89
CA VAL A 3 -21.75 -5.44 27.48
C VAL A 3 -20.85 -4.26 27.82
N THR A 4 -20.41 -3.54 26.79
CA THR A 4 -19.66 -2.29 26.95
C THR A 4 -20.62 -1.12 26.84
N THR A 5 -20.44 -0.13 27.71
CA THR A 5 -21.27 1.07 27.69
C THR A 5 -20.36 2.28 27.66
N VAL A 6 -20.69 3.24 26.78
CA VAL A 6 -19.86 4.41 26.51
C VAL A 6 -20.79 5.62 26.49
N VAL A 7 -20.21 6.80 26.68
CA VAL A 7 -20.98 8.04 26.58
C VAL A 7 -20.64 8.69 25.23
N ALA A 8 -21.57 8.60 24.29
CA ALA A 8 -21.33 8.97 22.91
C ALA A 8 -22.23 10.11 22.44
N THR A 9 -21.64 11.05 21.71
CA THR A 9 -22.40 12.11 21.05
C THR A 9 -23.04 11.56 19.78
N PRO A 10 -24.29 11.91 19.51
CA PRO A 10 -24.89 11.50 18.24
C PRO A 10 -24.14 12.10 17.06
N GLY A 11 -24.12 11.34 15.95
CA GLY A 11 -23.33 11.63 14.78
C GLY A 11 -23.66 12.96 14.14
N GLN A 12 -24.80 13.02 13.45
CA GLN A 12 -25.18 14.28 12.84
C GLN A 12 -25.68 15.27 13.89
N GLY A 13 -26.56 14.82 14.80
CA GLY A 13 -27.37 15.69 15.62
C GLY A 13 -26.62 16.55 16.61
N PRO A 14 -27.33 17.00 17.65
CA PRO A 14 -26.79 18.03 18.53
C PRO A 14 -25.89 17.45 19.61
N ASP A 15 -24.93 18.27 20.04
CA ASP A 15 -23.88 17.85 20.96
C ASP A 15 -24.38 17.39 22.31
N ARG A 16 -25.28 16.41 22.33
CA ARG A 16 -25.91 15.94 23.57
C ARG A 16 -25.47 14.50 23.86
N PRO A 17 -24.42 14.30 24.63
CA PRO A 17 -23.94 12.93 24.88
C PRO A 17 -25.02 12.05 25.52
N GLN A 18 -25.03 10.79 25.10
CA GLN A 18 -25.90 9.80 25.72
C GLN A 18 -25.12 8.51 25.89
N GLU A 19 -25.55 7.73 26.87
CA GLU A 19 -24.96 6.42 27.08
C GLU A 19 -25.43 5.49 25.97
N VAL A 20 -24.49 4.76 25.37
CA VAL A 20 -24.78 3.79 24.32
C VAL A 20 -24.12 2.48 24.70
N SER A 21 -24.88 1.38 24.59
CA SER A 21 -24.39 0.06 24.99
C SER A 21 -24.26 -0.84 23.78
N TYR A 22 -23.13 -1.52 23.66
CA TYR A 22 -22.95 -2.43 22.55
C TYR A 22 -22.28 -3.70 23.05
N THR A 23 -22.42 -4.76 22.26
CA THR A 23 -21.83 -6.03 22.61
C THR A 23 -21.38 -6.76 21.35
N ASP A 24 -20.70 -7.90 21.57
CA ASP A 24 -20.32 -8.85 20.52
C ASP A 24 -19.28 -8.25 19.59
N THR A 25 -18.21 -7.72 20.18
CA THR A 25 -17.24 -6.91 19.47
C THR A 25 -16.10 -7.78 18.95
N LYS A 26 -15.87 -7.73 17.64
CA LYS A 26 -14.82 -8.45 16.94
C LYS A 26 -13.94 -7.45 16.19
N VAL A 27 -12.63 -7.69 16.20
CA VAL A 27 -11.73 -6.99 15.26
C VAL A 27 -12.07 -7.43 13.84
N ILE A 28 -12.18 -6.46 12.92
CA ILE A 28 -12.51 -6.72 11.51
C ILE A 28 -11.59 -6.00 10.54
N GLY A 29 -10.68 -5.17 11.02
CA GLY A 29 -9.85 -4.36 10.15
C GLY A 29 -8.90 -3.57 11.02
N ASN A 30 -7.95 -2.92 10.37
CA ASN A 30 -6.97 -2.07 11.04
C ASN A 30 -6.24 -1.25 9.97
N GLY A 31 -5.20 -0.54 10.40
CA GLY A 31 -4.41 0.28 9.52
C GLY A 31 -3.50 1.18 10.33
N SER A 32 -2.98 2.23 9.67
CA SER A 32 -2.06 3.13 10.35
C SER A 32 -2.72 3.94 11.45
N PHE A 33 -4.03 4.13 11.36
CA PHE A 33 -4.79 4.93 12.33
C PHE A 33 -5.06 4.16 13.64
N GLY A 34 -5.25 2.85 13.57
CA GLY A 34 -5.64 2.06 14.72
C GLY A 34 -6.34 0.78 14.28
N VAL A 35 -7.50 0.50 14.88
CA VAL A 35 -8.21 -0.76 14.71
C VAL A 35 -9.66 -0.47 14.33
N VAL A 36 -10.27 -1.39 13.56
CA VAL A 36 -11.70 -1.33 13.23
C VAL A 36 -12.41 -2.52 13.83
N TYR A 37 -13.61 -2.29 14.39
CA TYR A 37 -14.36 -3.36 15.03
C TYR A 37 -15.76 -3.44 14.45
N GLN A 38 -16.35 -4.62 14.60
CA GLN A 38 -17.78 -4.80 14.49
C GLN A 38 -18.36 -4.96 15.89
N ALA A 39 -19.59 -4.50 16.06
CA ALA A 39 -20.32 -4.61 17.32
C ALA A 39 -21.80 -4.58 17.01
N LYS A 40 -22.58 -4.95 18.03
CA LYS A 40 -24.04 -4.94 17.96
C LYS A 40 -24.54 -4.04 19.06
N LEU A 41 -25.43 -3.11 18.69
CA LEU A 41 -25.99 -2.19 19.68
C LEU A 41 -26.99 -2.94 20.56
N CYS A 42 -26.69 -3.02 21.86
CA CYS A 42 -27.56 -3.76 22.79
C CYS A 42 -29.02 -3.31 22.68
N ASP A 43 -29.24 -2.06 22.26
CA ASP A 43 -30.55 -1.45 22.16
C ASP A 43 -31.37 -2.00 21.00
N SER A 44 -31.03 -1.60 19.78
CA SER A 44 -31.74 -1.99 18.56
C SER A 44 -31.20 -3.26 17.93
N GLY A 45 -30.12 -3.82 18.48
CA GLY A 45 -29.54 -5.02 17.91
C GLY A 45 -28.95 -4.81 16.52
N GLU A 46 -28.94 -3.56 16.04
CA GLU A 46 -28.36 -3.25 14.74
C GLU A 46 -26.84 -3.44 14.79
N LEU A 47 -26.29 -3.85 13.65
CA LEU A 47 -24.84 -4.02 13.57
C LEU A 47 -24.16 -2.70 13.23
N VAL A 48 -22.97 -2.48 13.81
CA VAL A 48 -22.21 -1.28 13.58
C VAL A 48 -20.74 -1.63 13.42
N ALA A 49 -20.02 -0.75 12.75
CA ALA A 49 -18.57 -0.76 12.75
C ALA A 49 -18.09 0.39 13.63
N ILE A 50 -16.89 0.23 14.19
CA ILE A 50 -16.25 1.24 15.03
C ILE A 50 -14.80 1.42 14.57
N LYS A 51 -14.52 2.53 13.93
CA LYS A 51 -13.15 2.86 13.58
C LYS A 51 -12.54 3.61 14.75
N LYS A 52 -11.52 3.01 15.35
CA LYS A 52 -10.85 3.54 16.53
C LYS A 52 -9.48 4.07 16.08
N VAL A 53 -9.28 5.39 16.17
CA VAL A 53 -8.04 6.01 15.74
C VAL A 53 -7.44 6.79 16.91
N LEU A 54 -6.12 6.70 17.07
CA LEU A 54 -5.40 7.55 18.02
C LEU A 54 -5.57 9.02 17.65
N GLN A 55 -6.21 9.75 18.54
CA GLN A 55 -6.50 11.17 18.33
C GLN A 55 -5.70 11.97 19.35
N ASP A 56 -4.71 12.69 18.87
CA ASP A 56 -3.94 13.59 19.71
C ASP A 56 -4.83 14.72 20.21
N LYS A 57 -4.76 15.00 21.51
CA LYS A 57 -5.51 16.10 22.07
C LYS A 57 -5.13 17.41 21.37
N ARG A 58 -5.89 18.47 21.68
CA ARG A 58 -5.54 19.84 21.29
C ARG A 58 -5.49 20.05 19.78
N PHE A 59 -5.78 19.03 18.99
CA PHE A 59 -5.80 19.15 17.54
C PHE A 59 -6.99 18.36 17.00
N LYS A 60 -7.77 18.98 16.12
CA LYS A 60 -9.03 18.40 15.67
C LYS A 60 -8.84 17.31 14.62
N ASN A 61 -9.79 16.40 14.57
CA ASN A 61 -9.80 15.25 13.66
C ASN A 61 -10.64 15.62 12.44
N ARG A 62 -10.01 15.71 11.26
CA ARG A 62 -10.78 16.16 10.10
C ARG A 62 -11.73 15.10 9.60
N GLU A 63 -11.41 13.81 9.81
CA GLU A 63 -12.39 12.81 9.39
C GLU A 63 -13.68 12.99 10.17
N LEU A 64 -13.59 13.23 11.49
CA LEU A 64 -14.82 13.42 12.26
C LEU A 64 -15.59 14.65 11.81
N GLN A 65 -14.87 15.76 11.62
CA GLN A 65 -15.50 17.00 11.17
C GLN A 65 -16.25 16.78 9.87
N ILE A 66 -15.58 16.19 8.88
CA ILE A 66 -16.25 15.90 7.60
C ILE A 66 -17.47 15.00 7.82
N MET A 67 -17.33 13.96 8.66
CA MET A 67 -18.41 12.96 8.73
C MET A 67 -19.65 13.50 9.45
N ARG A 68 -19.49 14.48 10.35
CA ARG A 68 -20.65 14.97 11.09
C ARG A 68 -21.63 15.71 10.18
N LYS A 69 -21.13 16.29 9.08
CA LYS A 69 -21.95 17.08 8.18
C LYS A 69 -22.47 16.32 6.97
N LEU A 70 -22.21 15.00 6.89
CA LEU A 70 -22.68 14.19 5.77
C LEU A 70 -23.96 13.44 6.14
N ASP A 71 -24.92 13.43 5.22
CA ASP A 71 -26.14 12.63 5.40
C ASP A 71 -26.68 12.28 4.02
N HIS A 72 -26.45 11.03 3.59
CA HIS A 72 -26.73 10.65 2.22
C HIS A 72 -26.91 9.14 2.14
N CYS A 73 -27.94 8.70 1.40
CA CYS A 73 -28.29 7.29 1.32
C CYS A 73 -27.15 6.40 0.83
N ASN A 74 -26.18 6.96 0.11
CA ASN A 74 -25.07 6.19 -0.43
C ASN A 74 -23.75 6.46 0.29
N ILE A 75 -23.82 6.98 1.51
CA ILE A 75 -22.66 7.12 2.36
C ILE A 75 -22.99 6.50 3.71
N VAL A 76 -22.05 5.70 4.24
CA VAL A 76 -22.24 5.11 5.57
CA VAL A 76 -22.25 5.11 5.56
C VAL A 76 -22.47 6.23 6.56
N ARG A 77 -23.46 6.06 7.42
CA ARG A 77 -23.79 7.08 8.41
C ARG A 77 -22.86 6.97 9.60
N LEU A 78 -22.37 8.13 10.07
CA LEU A 78 -21.76 8.23 11.39
C LEU A 78 -22.89 8.33 12.41
N ARG A 79 -23.16 7.24 13.13
CA ARG A 79 -24.24 7.23 14.11
C ARG A 79 -23.82 7.89 15.42
N TYR A 80 -22.63 7.56 15.92
CA TYR A 80 -22.12 8.16 17.15
C TYR A 80 -20.61 8.35 17.04
N PHE A 81 -20.07 9.20 17.91
CA PHE A 81 -18.63 9.17 18.16
C PHE A 81 -18.38 9.29 19.66
N PHE A 82 -17.25 8.75 20.09
CA PHE A 82 -16.94 8.72 21.51
C PHE A 82 -15.43 8.55 21.72
N TYR A 83 -14.97 8.87 22.93
CA TYR A 83 -13.57 8.76 23.29
C TYR A 83 -13.38 7.64 24.30
N SER A 84 -12.11 7.27 24.49
CA SER A 84 -11.74 6.11 25.29
C SER A 84 -10.23 6.08 25.34
N SER A 85 -9.70 5.45 26.39
CA SER A 85 -8.26 5.41 26.63
C SER A 85 -7.87 4.03 27.12
N GLY A 86 -6.70 3.56 26.69
CA GLY A 86 -6.20 2.28 27.17
C GLY A 86 -5.19 1.70 26.20
N GLU A 87 -4.77 0.46 26.52
CA GLU A 87 -3.80 -0.32 25.74
C GLU A 87 -2.45 0.39 25.64
N LYS A 88 -2.51 1.72 25.89
CA LYS A 88 -1.36 2.65 25.78
C LYS A 88 -1.28 3.54 27.03
N LYS A 89 -0.45 4.58 27.00
CA LYS A 89 -0.25 5.40 28.22
C LYS A 89 -0.64 6.87 28.02
N ASP A 90 -1.70 7.31 28.69
CA ASP A 90 -2.14 8.71 28.62
C ASP A 90 -2.36 9.16 27.18
N GLU A 91 -2.97 8.28 26.38
CA GLU A 91 -3.32 8.48 24.99
C GLU A 91 -4.84 8.45 24.84
N VAL A 92 -5.38 9.30 23.96
CA VAL A 92 -6.83 9.39 23.76
C VAL A 92 -7.18 8.87 22.38
N TYR A 93 -8.15 7.96 22.33
CA TYR A 93 -8.70 7.42 21.10
C TYR A 93 -10.03 8.07 20.77
N LEU A 94 -10.21 8.39 19.49
CA LEU A 94 -11.49 8.76 18.92
C LEU A 94 -12.11 7.53 18.28
N ASN A 95 -13.38 7.28 18.55
CA ASN A 95 -14.10 6.14 18.03
C ASN A 95 -15.24 6.64 17.18
N LEU A 96 -15.31 6.18 15.93
CA LEU A 96 -16.45 6.47 15.09
C LEU A 96 -17.31 5.22 15.01
N VAL A 97 -18.55 5.31 15.44
CA VAL A 97 -19.46 4.18 15.31
C VAL A 97 -20.35 4.46 14.11
N LEU A 98 -20.23 3.59 13.11
CA LEU A 98 -20.80 3.74 11.78
C LEU A 98 -21.73 2.57 11.52
N ASP A 99 -22.65 2.77 10.58
CA ASP A 99 -23.48 1.67 10.15
C ASP A 99 -22.61 0.57 9.54
N TYR A 100 -22.96 -0.67 9.85
CA TYR A 100 -22.27 -1.81 9.27
C TYR A 100 -23.00 -2.22 8.01
N VAL A 101 -22.25 -2.34 6.91
CA VAL A 101 -22.74 -2.89 5.66
C VAL A 101 -21.86 -4.10 5.37
N PRO A 102 -22.43 -5.26 5.02
CA PRO A 102 -21.66 -6.51 5.19
C PRO A 102 -20.73 -6.85 4.06
N GLU A 103 -20.92 -6.31 2.86
CA GLU A 103 -20.15 -6.71 1.71
C GLU A 103 -19.40 -5.53 1.12
N THR A 104 -18.43 -5.82 0.25
CA THR A 104 -17.69 -4.78 -0.46
C THR A 104 -17.58 -5.13 -1.93
N VAL A 105 -17.52 -4.09 -2.77
CA VAL A 105 -17.34 -4.32 -4.21
C VAL A 105 -16.04 -5.08 -4.46
N TYR A 106 -15.02 -4.90 -3.61
CA TYR A 106 -13.77 -5.63 -3.84
C TYR A 106 -14.00 -7.13 -3.70
N ARG A 107 -14.66 -7.56 -2.61
CA ARG A 107 -14.86 -8.99 -2.39
CA ARG A 107 -14.85 -8.99 -2.40
C ARG A 107 -15.80 -9.58 -3.43
N VAL A 108 -16.89 -8.87 -3.76
CA VAL A 108 -17.77 -9.32 -4.82
C VAL A 108 -16.99 -9.53 -6.11
N ALA A 109 -16.27 -8.51 -6.55
CA ALA A 109 -15.59 -8.58 -7.84
C ALA A 109 -14.52 -9.65 -7.85
N ARG A 110 -13.91 -9.93 -6.70
CA ARG A 110 -12.92 -11.00 -6.64
C ARG A 110 -13.58 -12.37 -6.82
N HIS A 111 -14.79 -12.54 -6.28
CA HIS A 111 -15.46 -13.84 -6.37
C HIS A 111 -15.82 -14.17 -7.82
N TYR A 112 -16.37 -13.20 -8.56
CA TYR A 112 -16.58 -13.38 -10.00
C TYR A 112 -15.28 -13.60 -10.74
N SER A 113 -14.24 -12.86 -10.38
CA SER A 113 -12.99 -12.96 -11.13
C SER A 113 -12.29 -14.28 -10.84
N ARG A 114 -12.37 -14.78 -9.60
CA ARG A 114 -11.84 -16.11 -9.32
C ARG A 114 -12.60 -17.19 -10.09
N ALA A 115 -13.93 -17.09 -10.14
CA ALA A 115 -14.78 -17.99 -10.91
C ALA A 115 -14.79 -17.67 -12.40
N LYS A 116 -13.88 -16.82 -12.86
CA LYS A 116 -13.76 -16.43 -14.26
C LYS A 116 -15.11 -16.07 -14.87
N GLN A 117 -15.85 -15.23 -14.15
CA GLN A 117 -17.12 -14.68 -14.61
C GLN A 117 -17.04 -13.17 -14.64
N THR A 118 -17.86 -12.55 -15.50
CA THR A 118 -18.03 -11.11 -15.46
C THR A 118 -19.22 -10.79 -14.56
N LEU A 119 -19.05 -9.84 -13.66
CA LEU A 119 -20.19 -9.38 -12.89
C LEU A 119 -21.23 -8.82 -13.86
N PRO A 120 -22.50 -9.23 -13.75
CA PRO A 120 -23.47 -8.80 -14.74
C PRO A 120 -23.54 -7.28 -14.81
N VAL A 121 -23.74 -6.77 -16.02
CA VAL A 121 -23.84 -5.33 -16.29
C VAL A 121 -24.85 -4.64 -15.37
N ILE A 122 -25.92 -5.32 -14.98
CA ILE A 122 -26.91 -4.65 -14.13
C ILE A 122 -26.27 -4.25 -12.80
N TYR A 123 -25.35 -5.08 -12.29
CA TYR A 123 -24.73 -4.74 -11.03
C TYR A 123 -23.73 -3.60 -11.21
N VAL A 124 -22.98 -3.66 -12.32
CA VAL A 124 -22.11 -2.56 -12.74
C VAL A 124 -22.87 -1.24 -12.76
N LYS A 125 -24.05 -1.23 -13.39
CA LYS A 125 -24.82 0.02 -13.45
C LYS A 125 -25.23 0.47 -12.05
N LEU A 126 -25.70 -0.47 -11.23
CA LEU A 126 -26.22 -0.11 -9.91
C LEU A 126 -25.10 0.40 -9.02
N TYR A 127 -23.98 -0.31 -8.98
CA TYR A 127 -22.87 0.12 -8.11
C TYR A 127 -22.31 1.46 -8.58
N MET A 128 -22.07 1.59 -9.89
CA MET A 128 -21.37 2.78 -10.37
C MET A 128 -22.22 4.04 -10.23
N TYR A 129 -23.52 3.94 -10.51
CA TYR A 129 -24.42 5.07 -10.33
C TYR A 129 -24.46 5.53 -8.88
N GLN A 130 -24.59 4.59 -7.95
CA GLN A 130 -24.64 5.00 -6.54
C GLN A 130 -23.31 5.58 -6.09
N LEU A 131 -22.20 5.08 -6.64
CA LEU A 131 -20.91 5.69 -6.34
C LEU A 131 -20.86 7.10 -6.89
N PHE A 132 -21.33 7.30 -8.13
CA PHE A 132 -21.34 8.64 -8.68
C PHE A 132 -22.29 9.54 -7.91
N ARG A 133 -23.40 8.98 -7.44
CA ARG A 133 -24.30 9.79 -6.63
C ARG A 133 -23.64 10.27 -5.35
N SER A 134 -22.91 9.40 -4.65
CA SER A 134 -22.27 9.84 -3.43
C SER A 134 -21.22 10.89 -3.71
N LEU A 135 -20.53 10.78 -4.85
CA LEU A 135 -19.48 11.73 -5.19
C LEU A 135 -20.07 13.11 -5.47
N ALA A 136 -21.15 13.16 -6.25
CA ALA A 136 -21.84 14.42 -6.47
C ALA A 136 -22.18 15.08 -5.15
N TYR A 137 -22.57 14.27 -4.18
CA TYR A 137 -22.97 14.82 -2.89
C TYR A 137 -21.79 15.45 -2.17
N ILE A 138 -20.70 14.70 -1.99
CA ILE A 138 -19.59 15.25 -1.23
C ILE A 138 -18.89 16.36 -2.02
N HIS A 139 -18.85 16.27 -3.35
CA HIS A 139 -18.19 17.30 -4.15
C HIS A 139 -18.96 18.63 -4.11
N SER A 140 -20.28 18.59 -3.93
CA SER A 140 -21.03 19.83 -3.75
C SER A 140 -20.66 20.56 -2.47
N PHE A 141 -20.02 19.89 -1.51
CA PHE A 141 -19.46 20.56 -0.35
C PHE A 141 -17.98 20.90 -0.51
N GLY A 142 -17.39 20.64 -1.69
CA GLY A 142 -15.95 20.75 -1.82
C GLY A 142 -15.15 19.65 -1.13
N ILE A 143 -15.82 18.65 -0.54
CA ILE A 143 -15.13 17.54 0.09
C ILE A 143 -14.75 16.50 -0.97
N CYS A 144 -13.51 16.04 -0.93
CA CYS A 144 -12.97 15.10 -1.90
C CYS A 144 -12.47 13.88 -1.15
N HIS A 145 -12.96 12.70 -1.55
CA HIS A 145 -12.74 11.48 -0.79
C HIS A 145 -11.26 11.10 -0.76
N ARG A 146 -10.59 11.19 -1.92
CA ARG A 146 -9.19 10.85 -2.16
C ARG A 146 -8.85 9.38 -1.87
N ASP A 147 -9.84 8.50 -1.74
CA ASP A 147 -9.54 7.08 -1.60
C ASP A 147 -10.66 6.22 -2.19
N ILE A 148 -11.15 6.60 -3.37
CA ILE A 148 -12.11 5.77 -4.08
C ILE A 148 -11.41 4.52 -4.58
N LYS A 149 -11.88 3.36 -4.14
CA LYS A 149 -11.34 2.08 -4.57
C LYS A 149 -12.34 0.97 -4.17
N PRO A 150 -12.27 -0.21 -4.81
CA PRO A 150 -13.28 -1.25 -4.54
C PRO A 150 -13.48 -1.60 -3.08
N GLN A 151 -12.43 -1.67 -2.25
CA GLN A 151 -12.61 -1.99 -0.83
C GLN A 151 -13.37 -0.93 -0.02
N ASN A 152 -13.54 0.30 -0.52
CA ASN A 152 -14.24 1.33 0.23
C ASN A 152 -15.63 1.54 -0.32
N LEU A 153 -16.15 0.57 -1.06
CA LEU A 153 -17.52 0.60 -1.55
C LEU A 153 -18.30 -0.56 -0.92
N LEU A 154 -19.10 -0.23 0.09
CA LEU A 154 -19.84 -1.25 0.81
C LEU A 154 -21.15 -1.59 0.09
N LEU A 155 -21.51 -2.88 0.11
CA LEU A 155 -22.68 -3.39 -0.59
C LEU A 155 -23.60 -4.14 0.35
N ASP A 156 -24.89 -3.95 0.17
CA ASP A 156 -25.87 -4.87 0.73
C ASP A 156 -26.27 -5.86 -0.35
N PRO A 157 -25.83 -7.13 -0.29
CA PRO A 157 -26.12 -8.05 -1.40
C PRO A 157 -27.61 -8.27 -1.67
N ASP A 158 -28.50 -7.96 -0.72
CA ASP A 158 -29.93 -8.16 -0.95
C ASP A 158 -30.61 -6.93 -1.49
N THR A 159 -30.29 -5.74 -0.98
CA THR A 159 -30.86 -4.53 -1.53
C THR A 159 -30.04 -3.94 -2.67
N ALA A 160 -28.79 -4.37 -2.82
CA ALA A 160 -27.83 -3.76 -3.73
C ALA A 160 -27.59 -2.29 -3.44
N VAL A 161 -27.85 -1.85 -2.20
CA VAL A 161 -27.48 -0.50 -1.78
C VAL A 161 -25.97 -0.39 -1.65
N LEU A 162 -25.39 0.65 -2.22
CA LEU A 162 -23.96 0.90 -2.08
C LEU A 162 -23.77 2.09 -1.16
N LYS A 163 -22.80 1.97 -0.25
CA LYS A 163 -22.45 3.06 0.63
C LYS A 163 -20.94 3.27 0.63
N LEU A 164 -20.54 4.53 0.47
CA LEU A 164 -19.14 4.91 0.46
C LEU A 164 -18.62 4.99 1.90
N CYS A 165 -17.40 4.51 2.12
CA CYS A 165 -16.89 4.48 3.48
C CYS A 165 -15.41 4.87 3.49
N ASP A 166 -14.82 4.82 4.69
CA ASP A 166 -13.44 5.23 4.95
C ASP A 166 -13.18 6.64 4.45
N PHE A 167 -13.41 7.63 5.33
CA PHE A 167 -13.13 9.03 5.05
C PHE A 167 -11.84 9.50 5.71
N GLY A 168 -10.88 8.58 5.95
CA GLY A 168 -9.56 8.93 6.49
C GLY A 168 -8.61 9.67 5.52
N SER A 169 -8.98 9.85 4.25
CA SER A 169 -8.21 10.61 3.28
C SER A 169 -9.01 11.79 2.72
N ALA A 170 -10.27 11.93 3.12
CA ALA A 170 -11.10 12.99 2.59
C ALA A 170 -10.63 14.34 3.10
N LYS A 171 -10.81 15.37 2.28
CA LYS A 171 -10.41 16.70 2.70
C LYS A 171 -11.30 17.71 2.00
N GLN A 172 -11.62 18.78 2.71
CA GLN A 172 -12.10 20.00 2.11
C GLN A 172 -11.03 20.58 1.18
N LEU A 173 -11.25 20.50 -0.13
CA LEU A 173 -10.31 21.09 -1.06
C LEU A 173 -10.59 22.58 -1.12
N VAL A 174 -9.66 23.39 -0.61
CA VAL A 174 -9.81 24.84 -0.63
C VAL A 174 -8.86 25.41 -1.69
N ARG A 175 -9.38 26.36 -2.46
CA ARG A 175 -8.71 26.81 -3.67
C ARG A 175 -7.47 27.60 -3.31
N GLY A 176 -6.29 27.13 -3.73
CA GLY A 176 -5.06 27.81 -3.48
C GLY A 176 -4.24 27.29 -2.31
N GLU A 177 -4.84 26.53 -1.40
CA GLU A 177 -3.95 25.89 -0.44
C GLU A 177 -3.57 24.51 -0.94
N PRO A 178 -2.30 24.13 -0.90
CA PRO A 178 -1.87 22.87 -1.52
C PRO A 178 -2.41 21.66 -0.77
N ASN A 179 -2.30 20.52 -1.45
CA ASN A 179 -2.67 19.23 -0.91
C ASN A 179 -1.60 18.21 -1.31
N VAL A 180 -1.47 17.16 -0.51
CA VAL A 180 -0.40 16.18 -0.73
CA VAL A 180 -0.41 16.18 -0.72
C VAL A 180 -0.68 15.40 -2.01
N SER A 181 0.40 15.10 -2.75
CA SER A 181 0.26 14.45 -4.06
CA SER A 181 0.27 14.44 -4.05
C SER A 181 0.18 12.92 -3.94
N ILE A 183 -1.51 10.59 -2.42
CA ILE A 183 -2.70 9.98 -1.83
C ILE A 183 -3.33 9.07 -2.86
N CYS A 184 -4.50 8.53 -2.48
CA CYS A 184 -5.23 7.55 -3.28
CA CYS A 184 -5.24 7.54 -3.27
C CYS A 184 -4.47 6.24 -3.35
N SER A 185 -5.17 5.11 -3.29
CA SER A 185 -4.49 3.87 -3.57
C SER A 185 -3.96 3.86 -5.00
N ARG A 186 -2.72 3.37 -5.15
CA ARG A 186 -1.94 3.36 -6.39
C ARG A 186 -2.73 3.08 -7.67
N TYR A 187 -3.40 1.93 -7.71
CA TYR A 187 -4.14 1.56 -8.91
C TYR A 187 -5.19 2.60 -9.30
N TYR A 188 -5.78 3.29 -8.34
CA TYR A 188 -6.86 4.24 -8.61
C TYR A 188 -6.38 5.69 -8.58
N ARG A 189 -5.07 5.92 -8.49
CA ARG A 189 -4.46 7.25 -8.38
C ARG A 189 -4.46 7.97 -9.73
N ALA A 190 -5.12 9.13 -9.77
CA ALA A 190 -5.19 9.96 -10.98
C ALA A 190 -3.80 10.38 -11.43
N PRO A 191 -3.66 10.76 -12.72
CA PRO A 191 -2.32 11.07 -13.25
C PRO A 191 -1.72 12.37 -12.74
N GLU A 192 -2.53 13.41 -12.47
CA GLU A 192 -1.97 14.65 -11.95
C GLU A 192 -1.27 14.42 -10.61
N LEU A 193 -1.82 13.54 -9.78
CA LEU A 193 -1.18 13.19 -8.51
C LEU A 193 0.16 12.50 -8.75
N ILE A 194 0.25 11.67 -9.77
CA ILE A 194 1.52 11.01 -10.07
C ILE A 194 2.56 12.03 -10.57
N PHE A 195 2.10 13.04 -11.31
CA PHE A 195 2.90 14.17 -11.73
C PHE A 195 3.13 15.19 -10.62
N GLY A 196 2.90 14.80 -9.36
CA GLY A 196 3.20 15.64 -8.23
C GLY A 196 2.32 16.86 -8.04
N ALA A 197 1.21 16.98 -8.74
CA ALA A 197 0.34 18.14 -8.56
C ALA A 197 -0.07 18.31 -7.10
N THR A 198 -0.21 19.56 -6.66
CA THR A 198 -0.66 19.84 -5.31
C THR A 198 -1.87 20.75 -5.28
N ASP A 199 -2.29 21.29 -6.41
CA ASP A 199 -3.51 22.08 -6.55
C ASP A 199 -4.58 21.33 -7.36
N TYR A 200 -4.71 20.03 -7.11
CA TYR A 200 -5.66 19.22 -7.85
C TYR A 200 -7.08 19.45 -7.35
N THR A 201 -8.05 18.84 -8.02
CA THR A 201 -9.46 19.07 -7.76
C THR A 201 -10.16 17.78 -7.40
N SER A 202 -11.48 17.90 -7.18
CA SER A 202 -12.32 16.74 -6.91
C SER A 202 -12.33 15.75 -8.05
N SER A 203 -12.00 16.19 -9.26
CA SER A 203 -12.02 15.24 -10.35
C SER A 203 -11.00 14.13 -10.17
N ILE A 204 -10.10 14.22 -9.18
CA ILE A 204 -9.28 13.04 -8.95
C ILE A 204 -10.16 11.88 -8.48
N ASP A 205 -11.30 12.17 -7.84
CA ASP A 205 -12.23 11.12 -7.42
C ASP A 205 -12.89 10.48 -8.64
N VAL A 206 -13.17 11.28 -9.67
CA VAL A 206 -13.83 10.80 -10.86
C VAL A 206 -12.90 9.89 -11.66
N TRP A 207 -11.61 10.23 -11.69
CA TRP A 207 -10.63 9.30 -12.24
C TRP A 207 -10.73 7.96 -11.52
N SER A 208 -10.68 7.99 -10.19
CA SER A 208 -10.73 6.76 -9.42
C SER A 208 -11.97 5.96 -9.77
N ALA A 209 -13.11 6.63 -9.93
CA ALA A 209 -14.35 5.91 -10.18
C ALA A 209 -14.28 5.23 -11.53
N GLY A 210 -13.67 5.91 -12.50
CA GLY A 210 -13.42 5.28 -13.80
C GLY A 210 -12.57 4.03 -13.70
N CYS A 211 -11.52 4.07 -12.87
CA CYS A 211 -10.69 2.88 -12.66
C CYS A 211 -11.51 1.72 -12.12
N VAL A 212 -12.46 2.01 -11.23
CA VAL A 212 -13.33 0.99 -10.68
C VAL A 212 -14.29 0.46 -11.74
N LEU A 213 -14.90 1.35 -12.54
CA LEU A 213 -15.77 0.92 -13.64
C LEU A 213 -15.00 0.00 -14.56
N ALA A 214 -13.89 0.51 -15.09
CA ALA A 214 -13.04 -0.31 -15.94
C ALA A 214 -12.75 -1.65 -15.29
N GLU A 215 -12.41 -1.64 -13.99
CA GLU A 215 -12.07 -2.91 -13.32
C GLU A 215 -13.25 -3.87 -13.28
N LEU A 216 -14.46 -3.36 -13.03
CA LEU A 216 -15.65 -4.21 -13.04
C LEU A 216 -15.92 -4.80 -14.41
N LEU A 217 -15.78 -3.99 -15.46
CA LEU A 217 -15.92 -4.47 -16.84
C LEU A 217 -14.90 -5.57 -17.17
N LEU A 218 -13.67 -5.42 -16.71
CA LEU A 218 -12.57 -6.28 -17.13
C LEU A 218 -12.30 -7.45 -16.21
N GLY A 219 -12.80 -7.43 -14.98
CA GLY A 219 -12.44 -8.50 -14.07
C GLY A 219 -11.04 -8.45 -13.48
N GLN A 220 -10.32 -7.35 -13.66
CA GLN A 220 -9.02 -7.11 -13.03
C GLN A 220 -8.74 -5.61 -13.09
N PRO A 221 -7.82 -5.11 -12.26
CA PRO A 221 -7.48 -3.67 -12.35
C PRO A 221 -6.94 -3.36 -13.74
N ILE A 222 -7.35 -2.20 -14.27
CA ILE A 222 -6.94 -1.81 -15.61
C ILE A 222 -5.51 -1.20 -15.62
N PHE A 223 -5.07 -0.56 -14.55
CA PHE A 223 -3.72 0.01 -14.48
C PHE A 223 -3.01 -0.53 -13.25
N PRO A 224 -2.45 -1.72 -13.31
CA PRO A 224 -1.82 -2.32 -12.11
C PRO A 224 -0.33 -2.02 -11.99
N GLY A 225 -0.01 -0.78 -11.60
CA GLY A 225 1.37 -0.36 -11.48
C GLY A 225 2.07 -0.98 -10.28
N ASP A 226 3.30 -1.44 -10.48
CA ASP A 226 4.04 -2.00 -9.38
C ASP A 226 4.85 -0.95 -8.61
N SER A 227 4.59 0.33 -8.86
CA SER A 227 5.09 1.41 -8.01
C SER A 227 4.31 2.68 -8.32
N GLY A 228 4.56 3.71 -7.48
CA GLY A 228 3.94 5.01 -7.68
C GLY A 228 4.27 5.64 -9.01
N VAL A 229 5.37 5.25 -9.64
CA VAL A 229 5.82 5.85 -10.89
C VAL A 229 5.49 4.92 -12.05
N ASP A 230 5.54 3.62 -11.80
CA ASP A 230 5.13 2.64 -12.81
C ASP A 230 3.63 2.66 -13.04
N GLN A 231 2.86 3.12 -12.05
CA GLN A 231 1.46 3.42 -12.28
C GLN A 231 1.28 4.28 -13.53
N LEU A 232 2.15 5.27 -13.72
CA LEU A 232 2.03 6.13 -14.88
C LEU A 232 2.30 5.36 -16.17
N VAL A 233 3.21 4.40 -16.12
CA VAL A 233 3.49 3.61 -17.31
C VAL A 233 2.26 2.82 -17.73
N GLU A 234 1.62 2.15 -16.77
CA GLU A 234 0.39 1.41 -17.06
C GLU A 234 -0.67 2.32 -17.68
N ILE A 235 -0.86 3.51 -17.10
CA ILE A 235 -1.79 4.49 -17.67
C ILE A 235 -1.44 4.78 -19.12
N ILE A 236 -0.14 4.95 -19.40
CA ILE A 236 0.26 5.36 -20.74
C ILE A 236 0.03 4.24 -21.75
N LYS A 237 0.10 2.97 -21.32
CA LYS A 237 -0.16 1.84 -22.20
C LYS A 237 -1.58 1.79 -22.75
N VAL A 238 -2.48 2.60 -22.21
CA VAL A 238 -3.86 2.66 -22.69
C VAL A 238 -4.15 4.02 -23.33
N LEU A 239 -3.81 5.10 -22.63
CA LEU A 239 -4.12 6.45 -23.09
CA LEU A 239 -4.12 6.45 -23.11
C LEU A 239 -3.04 7.02 -24.00
N GLY A 240 -1.93 6.30 -24.19
CA GLY A 240 -0.82 6.87 -24.93
C GLY A 240 -0.13 7.95 -24.15
N THR A 241 1.02 8.40 -24.64
CA THR A 241 1.77 9.44 -23.93
C THR A 241 0.93 10.72 -23.85
N PRO A 242 0.87 11.38 -22.69
CA PRO A 242 0.10 12.62 -22.60
C PRO A 242 0.78 13.74 -23.36
N THR A 243 -0.01 14.54 -24.06
CA THR A 243 0.53 15.67 -24.80
C THR A 243 1.09 16.71 -23.83
N ARG A 244 2.03 17.51 -24.34
CA ARG A 244 2.63 18.57 -23.54
C ARG A 244 1.57 19.45 -22.91
N GLU A 245 0.48 19.72 -23.64
CA GLU A 245 -0.59 20.52 -23.07
C GLU A 245 -1.32 19.74 -21.98
N GLN A 246 -1.45 18.42 -22.14
CA GLN A 246 -2.12 17.64 -21.11
C GLN A 246 -1.32 17.62 -19.82
N ILE A 247 0.01 17.53 -19.94
CA ILE A 247 0.85 17.59 -18.75
C ILE A 247 0.70 18.93 -18.04
N ARG A 248 0.49 20.01 -18.79
CA ARG A 248 0.31 21.32 -18.18
C ARG A 248 -0.94 21.36 -17.30
N GLU A 249 -2.07 20.86 -17.83
CA GLU A 249 -3.33 20.90 -17.10
C GLU A 249 -3.31 19.99 -15.87
N MET A 250 -2.50 18.95 -15.90
CA MET A 250 -2.38 18.07 -14.74
C MET A 250 -1.56 18.71 -13.63
N ASN A 251 -0.51 19.44 -14.01
CA ASN A 251 0.42 20.08 -13.11
C ASN A 251 1.40 20.92 -13.93
N PRO A 252 1.40 22.25 -13.77
CA PRO A 252 2.17 23.13 -14.66
C PRO A 252 3.57 23.47 -14.14
N ASN A 253 4.36 22.44 -13.78
CA ASN A 253 5.72 22.68 -13.28
C ASN A 253 6.68 21.52 -13.51
N TYR A 254 6.45 20.64 -14.50
CA TYR A 254 7.06 19.31 -14.41
C TYR A 254 7.95 18.91 -15.58
N THR A 255 8.94 18.05 -15.24
CA THR A 255 9.79 17.31 -16.19
C THR A 255 10.03 15.91 -15.59
N GLU A 256 9.25 14.92 -16.04
CA GLU A 256 9.41 13.54 -15.52
C GLU A 256 9.89 12.70 -16.69
N PHE A 257 11.20 12.44 -16.77
CA PHE A 257 11.79 11.74 -17.95
C PHE A 257 11.30 12.50 -19.19
N LYS A 258 10.52 11.83 -20.01
CA LYS A 258 9.92 12.41 -21.21
C LYS A 258 9.01 11.34 -21.77
N PHE A 259 9.15 10.12 -21.23
CA PHE A 259 8.51 8.87 -21.62
C PHE A 259 8.82 8.52 -23.08
N PRO A 260 8.80 7.22 -23.40
CA PRO A 260 8.93 6.79 -24.76
C PRO A 260 7.62 7.16 -25.45
N GLN A 261 7.66 7.39 -26.76
CA GLN A 261 6.44 7.77 -27.51
C GLN A 261 5.57 6.55 -27.74
N ILE A 262 4.39 6.53 -27.12
CA ILE A 262 3.51 5.35 -27.29
C ILE A 262 2.13 5.80 -27.76
N LYS A 263 1.67 5.17 -28.83
CA LYS A 263 0.36 5.42 -29.40
C LYS A 263 -0.72 5.05 -28.39
N ALA A 264 -1.83 5.79 -28.44
CA ALA A 264 -2.99 5.39 -27.64
C ALA A 264 -3.58 4.09 -28.19
N HIS A 265 -3.99 3.22 -27.29
CA HIS A 265 -4.63 1.93 -27.58
C HIS A 265 -6.15 2.12 -27.67
N PRO A 266 -6.78 1.72 -28.77
CA PRO A 266 -8.21 2.02 -28.93
C PRO A 266 -9.04 1.42 -27.82
N TRP A 267 -9.99 2.22 -27.31
CA TRP A 267 -10.81 1.81 -26.17
C TRP A 267 -11.55 0.49 -26.44
N THR A 268 -11.90 0.20 -27.69
CA THR A 268 -12.62 -1.04 -27.96
C THR A 268 -11.73 -2.24 -27.71
N LYS A 269 -10.45 -2.11 -28.02
CA LYS A 269 -9.51 -3.21 -27.78
C LYS A 269 -9.12 -3.32 -26.32
N VAL A 270 -9.46 -2.33 -25.49
CA VAL A 270 -9.10 -2.37 -24.07
C VAL A 270 -9.99 -3.35 -23.33
N PHE A 271 -11.24 -3.47 -23.74
CA PHE A 271 -12.21 -4.32 -23.06
C PHE A 271 -12.51 -5.57 -23.88
N ARG A 272 -13.31 -6.45 -23.27
CA ARG A 272 -13.63 -7.72 -23.87
C ARG A 272 -14.73 -7.55 -24.94
N PRO A 273 -14.79 -8.49 -25.91
CA PRO A 273 -15.66 -8.26 -27.09
C PRO A 273 -17.11 -7.94 -26.77
N ARG A 274 -17.72 -8.61 -25.80
CA ARG A 274 -19.13 -8.35 -25.50
C ARG A 274 -19.33 -7.21 -24.50
N THR A 275 -18.35 -6.30 -24.35
CA THR A 275 -18.50 -5.18 -23.44
C THR A 275 -19.48 -4.15 -24.02
N PRO A 276 -20.43 -3.66 -23.23
CA PRO A 276 -21.44 -2.72 -23.76
C PRO A 276 -20.81 -1.43 -24.23
N PRO A 277 -21.22 -0.94 -25.41
CA PRO A 277 -20.72 0.36 -25.91
C PRO A 277 -20.86 1.54 -24.96
N GLU A 278 -21.96 1.65 -24.21
CA GLU A 278 -22.08 2.79 -23.31
C GLU A 278 -21.15 2.66 -22.11
N ALA A 279 -20.80 1.44 -21.70
CA ALA A 279 -19.82 1.28 -20.64
C ALA A 279 -18.46 1.83 -21.06
N ILE A 280 -18.00 1.45 -22.27
CA ILE A 280 -16.74 1.96 -22.81
C ILE A 280 -16.83 3.47 -23.02
N ALA A 281 -17.96 3.95 -23.54
CA ALA A 281 -18.14 5.38 -23.75
C ALA A 281 -17.99 6.14 -22.43
N LEU A 282 -18.74 5.72 -21.42
CA LEU A 282 -18.63 6.36 -20.12
C LEU A 282 -17.19 6.31 -19.63
N CYS A 283 -16.59 5.13 -19.71
CA CYS A 283 -15.24 4.97 -19.20
C CYS A 283 -14.29 5.99 -19.82
N SER A 284 -14.35 6.17 -21.14
CA SER A 284 -13.42 7.06 -21.82
C SER A 284 -13.59 8.54 -21.45
N ARG A 285 -14.73 8.95 -20.91
CA ARG A 285 -14.92 10.31 -20.44
C ARG A 285 -14.60 10.47 -18.96
N LEU A 286 -14.12 9.41 -18.31
CA LEU A 286 -13.65 9.48 -16.93
C LEU A 286 -12.14 9.41 -16.89
N LEU A 287 -11.57 8.44 -17.60
CA LEU A 287 -10.12 8.20 -17.62
C LEU A 287 -9.48 9.09 -18.68
N GLU A 288 -9.50 10.39 -18.40
CA GLU A 288 -8.88 11.44 -19.22
C GLU A 288 -7.72 12.06 -18.46
N TYR A 289 -6.63 12.36 -19.17
CA TYR A 289 -5.49 13.06 -18.54
C TYR A 289 -5.90 14.44 -18.04
N THR A 290 -6.60 15.20 -18.86
CA THR A 290 -6.94 16.58 -18.54
C THR A 290 -8.02 16.63 -17.47
N PRO A 291 -7.73 17.05 -16.24
CA PRO A 291 -8.72 16.86 -15.15
C PRO A 291 -10.02 17.62 -15.32
N THR A 292 -10.03 18.70 -16.09
CA THR A 292 -11.26 19.40 -16.44
C THR A 292 -12.05 18.72 -17.54
N ALA A 293 -11.42 17.79 -18.27
CA ALA A 293 -12.14 17.07 -19.32
C ALA A 293 -13.13 16.07 -18.74
N ARG A 294 -12.82 15.48 -17.60
CA ARG A 294 -13.64 14.40 -17.07
C ARG A 294 -15.05 14.87 -16.72
N LEU A 295 -16.00 13.94 -16.80
CA LEU A 295 -17.35 14.24 -16.38
C LEU A 295 -17.37 14.56 -14.90
N THR A 296 -18.32 15.41 -14.50
CA THR A 296 -18.66 15.54 -13.10
C THR A 296 -19.44 14.30 -12.68
N PRO A 297 -19.51 14.03 -11.36
CA PRO A 297 -20.31 12.87 -10.92
C PRO A 297 -21.77 12.94 -11.35
N LEU A 298 -22.35 14.13 -11.33
CA LEU A 298 -23.74 14.28 -11.76
C LEU A 298 -23.90 13.96 -13.23
N GLU A 299 -22.99 14.45 -14.08
CA GLU A 299 -23.04 14.16 -15.51
C GLU A 299 -22.91 12.68 -15.75
N ALA A 300 -22.00 12.03 -15.00
CA ALA A 300 -21.88 10.58 -15.06
C ALA A 300 -23.20 9.89 -14.72
N CYS A 301 -23.88 10.34 -13.66
CA CYS A 301 -25.19 9.80 -13.33
C CYS A 301 -26.16 9.99 -14.48
N ALA A 302 -26.05 11.11 -15.18
CA ALA A 302 -26.91 11.35 -16.33
C ALA A 302 -26.52 10.51 -17.54
N HIS A 303 -25.42 9.77 -17.49
CA HIS A 303 -24.96 9.04 -18.66
C HIS A 303 -25.96 8.00 -19.12
N SER A 304 -25.91 7.71 -20.43
CA SER A 304 -26.82 6.78 -21.07
CA SER A 304 -26.84 6.78 -21.05
C SER A 304 -26.59 5.33 -20.65
N PHE A 305 -25.38 5.01 -20.18
CA PHE A 305 -25.11 3.66 -19.67
C PHE A 305 -26.07 3.31 -18.53
N PHE A 306 -26.57 4.31 -17.82
CA PHE A 306 -27.43 4.15 -16.66
C PHE A 306 -28.92 4.18 -16.98
N ASP A 307 -29.30 4.23 -18.25
CA ASP A 307 -30.70 4.45 -18.60
C ASP A 307 -31.59 3.29 -18.16
N GLU A 308 -31.10 2.06 -18.27
CA GLU A 308 -31.83 0.91 -17.75
C GLU A 308 -32.29 1.14 -16.30
N LEU A 309 -31.48 1.84 -15.50
CA LEU A 309 -31.86 2.15 -14.13
C LEU A 309 -33.01 3.14 -14.06
N ARG A 310 -33.18 3.99 -15.08
CA ARG A 310 -34.28 4.93 -15.09
C ARG A 310 -35.56 4.32 -15.67
N ASP A 311 -35.47 3.11 -16.21
CA ASP A 311 -36.65 2.41 -16.70
C ASP A 311 -37.62 2.16 -15.55
N PRO A 312 -38.93 2.34 -15.77
CA PRO A 312 -39.91 2.04 -14.70
C PRO A 312 -40.07 0.55 -14.39
N ASN A 313 -39.77 -0.34 -15.33
CA ASN A 313 -39.93 -1.76 -15.09
C ASN A 313 -38.70 -2.43 -14.49
N VAL A 314 -37.57 -1.73 -14.36
CA VAL A 314 -36.34 -2.41 -13.95
C VAL A 314 -36.54 -3.06 -12.58
N LYS A 315 -35.90 -4.20 -12.38
CA LYS A 315 -35.91 -4.88 -11.09
C LYS A 315 -34.53 -5.45 -10.84
N LEU A 316 -34.22 -5.70 -9.57
CA LEU A 316 -33.01 -6.42 -9.26
C LEU A 316 -33.12 -7.87 -9.73
N PRO A 317 -31.99 -8.55 -9.92
CA PRO A 317 -32.05 -9.96 -10.33
C PRO A 317 -32.73 -10.89 -9.32
N ASN A 318 -32.74 -10.55 -8.04
CA ASN A 318 -33.49 -11.33 -7.07
C ASN A 318 -34.94 -10.95 -7.01
N GLY A 319 -35.46 -10.33 -8.09
CA GLY A 319 -36.87 -10.03 -8.20
C GLY A 319 -37.33 -8.79 -7.49
N ARG A 320 -36.52 -8.28 -6.57
CA ARG A 320 -36.92 -7.16 -5.74
C ARG A 320 -36.77 -5.85 -6.50
N ASP A 321 -37.26 -4.78 -5.90
CA ASP A 321 -37.17 -3.47 -6.53
C ASP A 321 -35.75 -2.94 -6.38
N THR A 322 -35.40 -2.04 -7.29
CA THR A 322 -34.15 -1.31 -7.19
C THR A 322 -34.22 -0.36 -5.99
N PRO A 323 -33.09 -0.10 -5.34
CA PRO A 323 -33.05 0.94 -4.29
C PRO A 323 -33.44 2.31 -4.84
N ALA A 324 -33.54 3.26 -3.93
CA ALA A 324 -34.04 4.57 -4.29
C ALA A 324 -32.92 5.34 -4.97
N LEU A 325 -33.12 5.70 -6.23
CA LEU A 325 -32.08 6.30 -7.05
C LEU A 325 -32.48 7.65 -7.61
N PHE A 326 -33.67 8.13 -7.31
CA PHE A 326 -34.16 9.36 -7.92
C PHE A 326 -34.53 10.42 -6.92
N ASN A 327 -34.42 10.16 -5.61
CA ASN A 327 -34.73 11.18 -4.61
C ASN A 327 -33.54 12.12 -4.47
N PHE A 328 -33.36 12.96 -5.49
CA PHE A 328 -32.30 13.96 -5.46
C PHE A 328 -32.75 15.15 -4.62
N THR A 329 -31.87 15.63 -3.76
CA THR A 329 -32.07 16.91 -3.11
C THR A 329 -31.50 18.03 -3.95
N THR A 330 -31.87 19.26 -3.60
CA THR A 330 -31.36 20.42 -4.33
C THR A 330 -29.85 20.56 -4.17
N GLN A 331 -29.32 20.24 -3.00
CA GLN A 331 -27.87 20.24 -2.82
C GLN A 331 -27.21 19.26 -3.80
N GLU A 332 -27.80 18.08 -3.97
CA GLU A 332 -27.27 17.09 -4.91
C GLU A 332 -27.29 17.61 -6.34
N LEU A 333 -28.42 18.16 -6.78
CA LEU A 333 -28.51 18.73 -8.11
C LEU A 333 -27.83 20.10 -8.22
N SER A 334 -27.15 20.58 -7.17
CA SER A 334 -26.74 21.98 -7.11
C SER A 334 -25.80 22.35 -8.25
N SER A 335 -24.86 21.47 -8.60
CA SER A 335 -23.85 21.80 -9.60
C SER A 335 -24.43 22.05 -10.98
N ASN A 336 -25.61 21.48 -11.30
CA ASN A 336 -26.17 21.52 -12.64
C ASN A 336 -27.67 21.16 -12.62
N PRO A 337 -28.50 21.96 -11.97
CA PRO A 337 -29.91 21.56 -11.70
C PRO A 337 -30.65 21.10 -12.95
N PRO A 338 -30.43 21.71 -14.13
CA PRO A 338 -31.07 21.19 -15.35
C PRO A 338 -30.91 19.69 -15.57
N LEU A 339 -29.85 19.07 -15.04
CA LEU A 339 -29.70 17.63 -15.20
C LEU A 339 -30.84 16.85 -14.56
N ALA A 340 -31.66 17.50 -13.71
CA ALA A 340 -32.79 16.83 -13.10
C ALA A 340 -33.76 16.24 -14.13
N THR A 341 -33.85 16.86 -15.32
CA THR A 341 -34.81 16.40 -16.30
C THR A 341 -34.46 15.00 -16.82
N ILE A 342 -33.17 14.63 -16.78
CA ILE A 342 -32.74 13.29 -17.13
C ILE A 342 -32.68 12.39 -15.91
N LEU A 343 -32.33 12.94 -14.75
CA LEU A 343 -32.01 12.11 -13.59
C LEU A 343 -33.25 11.67 -12.84
N ILE A 344 -34.31 12.48 -12.84
CA ILE A 344 -35.59 12.08 -12.26
C ILE A 344 -36.55 11.72 -13.39
N PRO A 345 -36.65 10.46 -13.78
CA PRO A 345 -37.51 10.10 -14.90
C PRO A 345 -38.96 10.41 -14.57
N PRO A 346 -39.84 10.51 -15.57
CA PRO A 346 -41.25 10.84 -15.29
C PRO A 346 -41.88 9.99 -14.20
N HIS A 347 -41.80 8.66 -14.32
CA HIS A 347 -42.47 7.77 -13.38
C HIS A 347 -42.02 7.94 -11.94
N ALA A 348 -40.96 8.72 -11.67
CA ALA A 348 -40.43 8.86 -10.33
C ALA A 348 -40.67 10.23 -9.71
N ARG A 349 -41.37 11.12 -10.40
CA ARG A 349 -41.63 12.47 -9.90
C ARG A 349 -42.93 12.49 -9.10
N ILE A 350 -42.82 12.79 -7.81
CA ILE A 350 -43.97 12.90 -6.88
C ILE A 350 -45.00 11.77 -7.07
N SER B 1 22.84 16.67 -22.00
CA SER B 1 21.98 16.85 -20.83
C SER B 1 22.49 18.00 -19.95
N LYS B 2 21.68 18.41 -18.99
CA LYS B 2 22.09 19.44 -18.04
C LYS B 2 22.94 18.81 -16.93
N VAL B 3 23.91 19.58 -16.43
CA VAL B 3 24.80 19.13 -15.37
C VAL B 3 24.47 19.90 -14.09
N THR B 4 24.24 19.17 -13.00
CA THR B 4 23.81 19.71 -11.71
C THR B 4 24.95 19.55 -10.71
N THR B 5 25.20 20.63 -9.96
CA THR B 5 26.26 20.65 -8.96
C THR B 5 25.67 21.03 -7.61
N VAL B 6 25.97 20.24 -6.59
CA VAL B 6 25.49 20.45 -5.23
C VAL B 6 26.69 20.32 -4.32
N VAL B 7 26.57 20.89 -3.13
CA VAL B 7 27.60 20.79 -2.10
C VAL B 7 27.14 19.71 -1.13
N ALA B 8 27.75 18.53 -1.21
CA ALA B 8 27.26 17.38 -0.48
C ALA B 8 28.31 16.82 0.47
N THR B 9 27.86 16.50 1.68
CA THR B 9 28.69 15.79 2.66
C THR B 9 28.80 14.32 2.29
N PRO B 10 29.99 13.72 2.41
CA PRO B 10 30.08 12.27 2.24
C PRO B 10 29.29 11.57 3.32
N GLY B 11 28.75 10.41 2.97
CA GLY B 11 27.83 9.72 3.85
C GLY B 11 28.46 9.21 5.13
N GLN B 12 29.40 8.27 4.99
CA GLN B 12 30.08 7.75 6.17
C GLN B 12 31.11 8.74 6.69
N GLY B 13 31.86 9.38 5.79
CA GLY B 13 33.07 10.05 6.15
C GLY B 13 32.84 11.29 7.00
N PRO B 14 33.93 12.01 7.26
CA PRO B 14 33.85 13.18 8.13
C PRO B 14 33.07 14.30 7.45
N ASP B 15 32.39 15.10 8.26
CA ASP B 15 31.45 16.08 7.74
C ASP B 15 32.22 17.17 6.98
N ARG B 16 32.84 16.79 5.86
CA ARG B 16 33.61 17.68 5.00
C ARG B 16 32.88 17.88 3.67
N PRO B 17 31.98 18.86 3.58
CA PRO B 17 31.15 18.96 2.38
C PRO B 17 31.96 19.38 1.16
N GLN B 18 31.75 18.67 0.05
CA GLN B 18 32.45 18.95 -1.18
C GLN B 18 31.47 19.07 -2.33
N GLU B 19 31.87 19.82 -3.35
CA GLU B 19 31.05 19.97 -4.55
C GLU B 19 31.00 18.65 -5.30
N VAL B 20 29.78 18.23 -5.66
CA VAL B 20 29.52 17.02 -6.41
C VAL B 20 28.71 17.40 -7.65
N SER B 21 29.06 16.83 -8.80
CA SER B 21 28.35 17.09 -10.05
C SER B 21 27.73 15.81 -10.61
N TYR B 22 26.44 15.87 -10.96
CA TYR B 22 25.75 14.71 -11.54
C TYR B 22 24.88 15.13 -12.73
N THR B 23 24.59 14.15 -13.57
CA THR B 23 23.81 14.42 -14.78
C THR B 23 22.93 13.20 -15.10
N ASP B 24 22.04 13.37 -16.08
CA ASP B 24 21.11 12.33 -16.55
C ASP B 24 20.00 12.04 -15.53
N THR B 25 19.32 13.10 -15.09
CA THR B 25 18.37 13.01 -13.99
C THR B 25 17.02 12.51 -14.51
N LYS B 26 16.52 11.42 -13.91
CA LYS B 26 15.25 10.85 -14.33
C LYS B 26 14.55 10.21 -13.13
N VAL B 27 13.25 10.51 -12.98
CA VAL B 27 12.45 9.91 -11.93
C VAL B 27 12.40 8.40 -12.13
N ILE B 28 12.51 7.65 -11.02
CA ILE B 28 12.54 6.19 -11.03
C ILE B 28 11.75 5.65 -9.84
N GLY B 29 11.03 6.52 -9.15
CA GLY B 29 10.40 6.12 -7.91
C GLY B 29 9.81 7.32 -7.22
N ASN B 30 8.98 7.03 -6.22
CA ASN B 30 8.38 8.05 -5.36
C ASN B 30 7.67 7.33 -4.20
N GLY B 31 7.08 8.13 -3.33
CA GLY B 31 6.42 7.61 -2.14
C GLY B 31 5.93 8.77 -1.30
N SER B 32 5.46 8.44 -0.09
CA SER B 32 4.96 9.47 0.82
C SER B 32 6.03 10.49 1.15
N PHE B 33 7.31 10.10 1.06
CA PHE B 33 8.44 10.92 1.44
C PHE B 33 8.82 11.96 0.37
N GLY B 34 8.62 11.62 -0.91
CA GLY B 34 9.13 12.42 -2.00
C GLY B 34 9.35 11.55 -3.22
N VAL B 35 10.50 11.72 -3.88
CA VAL B 35 10.77 11.17 -5.20
C VAL B 35 12.15 10.50 -5.17
N VAL B 36 12.34 9.51 -6.05
CA VAL B 36 13.62 8.85 -6.20
C VAL B 36 14.10 9.05 -7.63
N TYR B 37 15.36 9.45 -7.78
CA TYR B 37 15.93 9.71 -9.09
C TYR B 37 17.09 8.77 -9.34
N GLN B 38 17.37 8.56 -10.63
CA GLN B 38 18.64 8.03 -11.05
C GLN B 38 19.45 9.16 -11.65
N ALA B 39 20.76 9.11 -11.44
CA ALA B 39 21.68 10.11 -11.97
C ALA B 39 23.03 9.44 -12.15
N LYS B 40 23.92 10.15 -12.84
CA LYS B 40 25.28 9.71 -13.13
C LYS B 40 26.25 10.75 -12.61
N LEU B 41 27.25 10.30 -11.83
CA LEU B 41 28.27 11.19 -11.30
C LEU B 41 29.21 11.58 -12.43
N CYS B 42 29.33 12.89 -12.70
CA CYS B 42 30.14 13.36 -13.82
C CYS B 42 31.60 12.92 -13.69
N ASP B 43 32.12 12.83 -12.46
CA ASP B 43 33.50 12.46 -12.27
C ASP B 43 33.73 11.02 -12.72
N SER B 44 33.18 10.05 -12.00
CA SER B 44 33.45 8.64 -12.22
C SER B 44 32.48 7.99 -13.18
N GLY B 45 31.45 8.71 -13.62
CA GLY B 45 30.46 8.14 -14.51
C GLY B 45 29.59 7.11 -13.80
N GLU B 46 29.83 6.94 -12.48
CA GLU B 46 29.11 5.93 -11.72
C GLU B 46 27.64 6.30 -11.56
N LEU B 47 26.78 5.29 -11.61
CA LEU B 47 25.36 5.51 -11.48
C LEU B 47 24.96 5.60 -10.00
N VAL B 48 23.95 6.44 -9.75
CA VAL B 48 23.52 6.77 -8.40
C VAL B 48 22.00 6.87 -8.35
N ALA B 49 21.42 6.47 -7.21
CA ALA B 49 20.06 6.83 -6.85
C ALA B 49 20.08 7.99 -5.87
N ILE B 50 19.08 8.85 -5.98
CA ILE B 50 18.89 10.00 -5.10
C ILE B 50 17.48 9.96 -4.53
N LYS B 51 17.36 9.58 -3.26
CA LYS B 51 16.09 9.67 -2.57
C LYS B 51 15.95 11.06 -1.95
N LYS B 52 14.95 11.81 -2.42
CA LYS B 52 14.71 13.19 -2.04
C LYS B 52 13.47 13.23 -1.14
N VAL B 53 13.67 13.54 0.14
CA VAL B 53 12.59 13.53 1.12
C VAL B 53 12.37 14.96 1.58
N LEU B 54 11.10 15.32 1.81
CA LEU B 54 10.83 16.54 2.54
C LEU B 54 11.27 16.34 3.99
N GLN B 55 12.19 17.19 4.45
CA GLN B 55 12.77 17.07 5.78
C GLN B 55 12.62 18.40 6.48
N ASP B 56 11.68 18.46 7.41
CA ASP B 56 11.54 19.61 8.30
C ASP B 56 12.61 19.53 9.38
N LYS B 57 13.12 20.70 9.76
CA LYS B 57 14.09 20.79 10.85
C LYS B 57 13.43 20.65 12.23
N ARG B 58 12.14 20.31 12.27
CA ARG B 58 11.40 19.93 13.47
C ARG B 58 12.00 18.74 14.19
N PHE B 59 12.97 18.07 13.58
CA PHE B 59 13.56 16.84 14.11
C PHE B 59 14.75 16.47 13.23
N LYS B 60 15.69 15.70 13.78
CA LYS B 60 16.66 15.06 12.91
C LYS B 60 15.95 14.04 12.02
N ASN B 61 16.61 13.67 10.94
CA ASN B 61 16.06 12.69 10.01
C ASN B 61 16.56 11.31 10.40
N ARG B 62 15.63 10.42 10.77
CA ARG B 62 16.05 9.11 11.26
C ARG B 62 16.84 8.34 10.20
N GLU B 63 16.36 8.35 8.94
CA GLU B 63 17.02 7.54 7.91
C GLU B 63 18.47 7.96 7.73
N LEU B 64 18.73 9.28 7.75
CA LEU B 64 20.09 9.76 7.57
C LEU B 64 21.00 9.32 8.71
N GLN B 65 20.53 9.48 9.96
CA GLN B 65 21.39 9.06 11.06
CA GLN B 65 21.34 9.04 11.10
C GLN B 65 21.62 7.55 11.02
N ILE B 66 20.64 6.77 10.57
CA ILE B 66 20.87 5.34 10.46
C ILE B 66 21.87 5.05 9.35
N MET B 67 21.71 5.71 8.20
CA MET B 67 22.52 5.33 7.04
C MET B 67 23.97 5.77 7.17
N ARG B 68 24.24 6.86 7.90
CA ARG B 68 25.62 7.31 8.05
C ARG B 68 26.47 6.28 8.78
N LYS B 69 25.87 5.47 9.66
CA LYS B 69 26.60 4.46 10.41
C LYS B 69 26.87 3.19 9.63
N LEU B 70 26.16 2.94 8.54
CA LEU B 70 26.19 1.63 7.88
C LEU B 70 27.27 1.51 6.82
N ASP B 71 28.03 0.41 6.87
CA ASP B 71 29.01 0.16 5.81
C ASP B 71 29.13 -1.36 5.61
N HIS B 72 28.44 -1.88 4.60
CA HIS B 72 28.34 -3.32 4.41
C HIS B 72 28.14 -3.67 2.95
N CYS B 73 28.84 -4.71 2.49
CA CYS B 73 28.77 -5.13 1.09
C CYS B 73 27.35 -5.46 0.65
N ASN B 74 26.45 -5.78 1.58
CA ASN B 74 25.08 -6.15 1.27
C ASN B 74 24.07 -5.07 1.65
N ILE B 75 24.52 -3.82 1.76
CA ILE B 75 23.63 -2.70 1.99
C ILE B 75 24.01 -1.59 1.03
N VAL B 76 23.01 -0.99 0.37
CA VAL B 76 23.29 0.15 -0.48
CA VAL B 76 23.29 0.15 -0.48
C VAL B 76 23.92 1.25 0.35
N ARG B 77 25.04 1.77 -0.10
CA ARG B 77 25.84 2.73 0.66
C ARG B 77 25.34 4.16 0.44
N LEU B 78 25.27 4.91 1.54
CA LEU B 78 25.01 6.34 1.45
C LEU B 78 26.30 7.02 1.03
N ARG B 79 26.42 7.31 -0.27
CA ARG B 79 27.62 7.96 -0.79
C ARG B 79 27.72 9.40 -0.33
N TYR B 80 26.64 10.16 -0.47
CA TYR B 80 26.61 11.53 0.01
C TYR B 80 25.19 11.86 0.41
N PHE B 81 25.03 12.97 1.11
CA PHE B 81 23.72 13.59 1.25
C PHE B 81 23.88 15.09 1.07
N PHE B 82 22.81 15.74 0.66
CA PHE B 82 22.83 17.18 0.50
C PHE B 82 21.41 17.71 0.62
N TYR B 83 21.30 19.03 0.72
CA TYR B 83 20.01 19.69 0.87
C TYR B 83 19.70 20.49 -0.39
N SER B 84 18.42 20.81 -0.53
CA SER B 84 17.91 21.56 -1.66
C SER B 84 16.55 22.09 -1.26
N SER B 85 16.10 23.10 -1.98
CA SER B 85 14.82 23.72 -1.70
C SER B 85 14.06 23.86 -3.01
N GLY B 86 12.77 23.50 -2.98
CA GLY B 86 11.92 23.65 -4.14
C GLY B 86 11.77 25.11 -4.56
N GLU B 87 10.92 25.32 -5.56
CA GLU B 87 10.55 26.67 -5.94
C GLU B 87 9.82 27.38 -4.79
N LYS B 88 9.16 26.62 -3.92
CA LYS B 88 8.59 27.17 -2.70
C LYS B 88 9.72 27.62 -1.76
N LYS B 89 9.32 28.35 -0.73
CA LYS B 89 10.23 28.83 0.31
C LYS B 89 9.96 28.09 1.61
N ASP B 90 10.92 28.19 2.54
CA ASP B 90 10.80 27.60 3.88
C ASP B 90 10.48 26.10 3.82
N GLU B 91 10.84 25.45 2.72
CA GLU B 91 10.55 24.04 2.47
C GLU B 91 11.85 23.36 2.06
N VAL B 92 12.42 22.57 2.96
CA VAL B 92 13.79 22.05 2.81
C VAL B 92 13.74 20.56 2.55
N TYR B 93 14.53 20.12 1.57
CA TYR B 93 14.57 18.73 1.14
C TYR B 93 15.93 18.13 1.48
N LEU B 94 15.91 16.93 2.05
CA LEU B 94 17.11 16.12 2.23
C LEU B 94 17.27 15.20 1.03
N ASN B 95 18.48 15.10 0.51
CA ASN B 95 18.75 14.26 -0.64
C ASN B 95 19.76 13.22 -0.23
N LEU B 96 19.41 11.95 -0.36
CA LEU B 96 20.35 10.87 -0.08
C LEU B 96 20.90 10.40 -1.41
N VAL B 97 22.22 10.36 -1.53
CA VAL B 97 22.88 9.95 -2.76
C VAL B 97 23.40 8.54 -2.56
N LEU B 98 22.81 7.57 -3.27
CA LEU B 98 22.97 6.16 -2.94
C LEU B 98 23.57 5.41 -4.12
N ASP B 99 24.34 4.37 -3.79
CA ASP B 99 24.71 3.38 -4.80
C ASP B 99 23.48 3.03 -5.62
N TYR B 100 23.69 2.86 -6.92
CA TYR B 100 22.64 2.36 -7.80
C TYR B 100 22.90 0.90 -8.07
N VAL B 101 21.89 0.06 -7.84
CA VAL B 101 21.92 -1.35 -8.19
C VAL B 101 20.70 -1.62 -9.06
N PRO B 102 20.84 -2.28 -10.22
CA PRO B 102 19.82 -2.13 -11.27
C PRO B 102 18.62 -3.05 -11.18
N GLU B 103 18.72 -4.19 -10.49
CA GLU B 103 17.60 -5.15 -10.45
C GLU B 103 17.10 -5.34 -9.02
N THR B 104 15.84 -5.78 -8.90
CA THR B 104 15.22 -6.12 -7.63
C THR B 104 14.83 -7.60 -7.61
N VAL B 105 14.88 -8.20 -6.41
CA VAL B 105 14.42 -9.58 -6.29
C VAL B 105 12.95 -9.69 -6.68
N TYR B 106 12.16 -8.63 -6.45
CA TYR B 106 10.77 -8.66 -6.86
C TYR B 106 10.63 -8.76 -8.38
N ARG B 107 11.29 -7.86 -9.12
CA ARG B 107 11.22 -7.93 -10.58
CA ARG B 107 11.27 -7.93 -10.58
C ARG B 107 11.70 -9.29 -11.08
N VAL B 108 12.78 -9.83 -10.51
CA VAL B 108 13.31 -11.11 -10.96
C VAL B 108 12.32 -12.22 -10.70
N ALA B 109 11.88 -12.35 -9.44
CA ALA B 109 10.99 -13.45 -9.09
C ALA B 109 9.68 -13.35 -9.87
N ARG B 110 9.31 -12.13 -10.26
CA ARG B 110 8.06 -11.99 -10.99
C ARG B 110 8.21 -12.50 -12.42
N HIS B 111 9.36 -12.25 -13.06
CA HIS B 111 9.59 -12.80 -14.40
C HIS B 111 9.48 -14.32 -14.40
N TYR B 112 9.98 -14.98 -13.35
CA TYR B 112 9.96 -16.43 -13.30
C TYR B 112 8.55 -16.98 -13.18
N SER B 113 7.74 -16.38 -12.30
CA SER B 113 6.41 -16.93 -12.11
C SER B 113 5.44 -16.49 -13.20
N ARG B 114 5.70 -15.35 -13.85
CA ARG B 114 5.01 -15.05 -15.09
C ARG B 114 5.25 -16.14 -16.11
N ALA B 115 6.53 -16.51 -16.33
CA ALA B 115 6.97 -17.66 -17.12
C ALA B 115 6.62 -18.97 -16.48
N LYS B 116 5.89 -18.96 -15.37
CA LYS B 116 5.45 -20.19 -14.69
C LYS B 116 6.63 -21.10 -14.43
N GLN B 117 7.62 -20.56 -13.74
CA GLN B 117 8.86 -21.26 -13.46
C GLN B 117 9.36 -20.88 -12.09
N THR B 118 10.17 -21.77 -11.51
CA THR B 118 10.73 -21.55 -10.19
C THR B 118 12.12 -20.95 -10.34
N LEU B 119 12.47 -20.05 -9.44
CA LEU B 119 13.83 -19.53 -9.44
C LEU B 119 14.79 -20.63 -8.98
N PRO B 120 15.87 -20.89 -9.73
CA PRO B 120 16.80 -21.95 -9.32
C PRO B 120 17.32 -21.71 -7.90
N VAL B 121 17.36 -22.79 -7.11
CA VAL B 121 17.66 -22.65 -5.70
C VAL B 121 19.04 -22.06 -5.45
N ILE B 122 19.95 -22.19 -6.42
CA ILE B 122 21.27 -21.60 -6.22
C ILE B 122 21.15 -20.09 -6.02
N TYR B 123 20.26 -19.45 -6.77
CA TYR B 123 20.07 -18.00 -6.62
C TYR B 123 19.30 -17.70 -5.33
N VAL B 124 18.34 -18.56 -4.99
CA VAL B 124 17.67 -18.51 -3.69
C VAL B 124 18.68 -18.56 -2.57
N LYS B 125 19.63 -19.49 -2.64
CA LYS B 125 20.65 -19.55 -1.60
C LYS B 125 21.48 -18.28 -1.59
N LEU B 126 21.91 -17.83 -2.76
CA LEU B 126 22.75 -16.64 -2.84
C LEU B 126 22.01 -15.42 -2.31
N TYR B 127 20.80 -15.20 -2.79
CA TYR B 127 20.05 -14.00 -2.41
C TYR B 127 19.75 -14.01 -0.92
N MET B 128 19.27 -15.15 -0.40
CA MET B 128 18.88 -15.21 0.99
C MET B 128 20.09 -15.13 1.93
N TYR B 129 21.17 -15.85 1.63
CA TYR B 129 22.38 -15.72 2.45
C TYR B 129 22.81 -14.26 2.55
N GLN B 130 22.75 -13.53 1.45
CA GLN B 130 23.19 -12.15 1.48
C GLN B 130 22.22 -11.27 2.25
N LEU B 131 20.93 -11.59 2.20
CA LEU B 131 19.96 -10.82 2.98
C LEU B 131 20.21 -11.03 4.46
N PHE B 132 20.42 -12.28 4.85
CA PHE B 132 20.68 -12.58 6.26
C PHE B 132 21.94 -11.89 6.74
N ARG B 133 23.01 -11.93 5.95
CA ARG B 133 24.23 -11.25 6.36
C ARG B 133 23.96 -9.77 6.65
N SER B 134 23.24 -9.09 5.77
CA SER B 134 22.91 -7.69 5.99
C SER B 134 22.08 -7.51 7.24
N LEU B 135 21.22 -8.49 7.55
CA LEU B 135 20.39 -8.38 8.75
C LEU B 135 21.21 -8.59 10.01
N ALA B 136 22.13 -9.57 10.00
CA ALA B 136 23.08 -9.72 11.10
C ALA B 136 23.79 -8.41 11.36
N TYR B 137 24.22 -7.74 10.29
CA TYR B 137 24.99 -6.52 10.47
C TYR B 137 24.15 -5.40 11.09
N ILE B 138 22.98 -5.11 10.52
CA ILE B 138 22.19 -4.03 11.10
C ILE B 138 21.66 -4.42 12.48
N HIS B 139 21.38 -5.71 12.71
CA HIS B 139 20.85 -6.05 14.03
C HIS B 139 21.92 -6.00 15.10
N SER B 140 23.18 -6.28 14.75
CA SER B 140 24.26 -6.12 15.71
C SER B 140 24.27 -4.72 16.33
N PHE B 141 23.75 -3.72 15.62
CA PHE B 141 23.62 -2.38 16.17
C PHE B 141 22.29 -2.16 16.89
N GLY B 142 21.39 -3.13 16.87
CA GLY B 142 20.04 -2.86 17.32
C GLY B 142 19.21 -2.04 16.33
N ILE B 143 19.73 -1.83 15.12
CA ILE B 143 18.97 -1.22 14.04
C ILE B 143 18.07 -2.30 13.43
N CYS B 144 16.78 -2.00 13.31
CA CYS B 144 15.81 -2.89 12.72
C CYS B 144 15.25 -2.22 11.47
N HIS B 145 15.14 -2.98 10.38
CA HIS B 145 14.82 -2.41 9.07
C HIS B 145 13.31 -2.18 8.90
N ARG B 146 12.51 -3.18 9.30
CA ARG B 146 11.04 -3.09 9.36
C ARG B 146 10.36 -2.95 8.00
N ASP B 147 11.01 -3.33 6.91
CA ASP B 147 10.36 -3.31 5.60
C ASP B 147 11.08 -4.29 4.67
N ILE B 148 11.50 -5.42 5.24
CA ILE B 148 12.09 -6.49 4.44
C ILE B 148 11.03 -7.03 3.48
N LYS B 149 11.27 -6.87 2.19
CA LYS B 149 10.37 -7.35 1.14
C LYS B 149 11.14 -7.38 -0.19
N PRO B 150 10.68 -8.17 -1.17
CA PRO B 150 11.49 -8.38 -2.38
C PRO B 150 11.79 -7.14 -3.19
N GLN B 151 10.88 -6.17 -3.21
CA GLN B 151 11.18 -4.90 -3.87
C GLN B 151 12.35 -4.15 -3.24
N ASN B 152 12.66 -4.41 -1.96
CA ASN B 152 13.76 -3.72 -1.31
C ASN B 152 15.02 -4.54 -1.31
N LEU B 153 15.09 -5.59 -2.12
CA LEU B 153 16.31 -6.38 -2.24
C LEU B 153 16.87 -6.15 -3.64
N LEU B 154 17.88 -5.28 -3.74
CA LEU B 154 18.52 -4.99 -5.02
C LEU B 154 19.48 -6.09 -5.44
N LEU B 155 19.62 -6.26 -6.76
CA LEU B 155 20.46 -7.30 -7.36
C LEU B 155 21.32 -6.74 -8.48
N ASP B 156 22.56 -7.20 -8.55
CA ASP B 156 23.33 -7.08 -9.77
C ASP B 156 23.27 -8.41 -10.52
N PRO B 157 22.56 -8.52 -11.63
CA PRO B 157 22.37 -9.83 -12.26
C PRO B 157 23.66 -10.49 -12.76
N ASP B 158 24.76 -9.74 -12.93
CA ASP B 158 25.99 -10.39 -13.36
C ASP B 158 26.84 -10.89 -12.20
N THR B 159 26.91 -10.13 -11.09
CA THR B 159 27.69 -10.57 -9.94
C THR B 159 26.87 -11.34 -8.92
N ALA B 160 25.54 -11.31 -9.04
CA ALA B 160 24.62 -11.87 -8.05
C ALA B 160 24.83 -11.27 -6.66
N VAL B 161 25.37 -10.06 -6.58
CA VAL B 161 25.46 -9.35 -5.32
C VAL B 161 24.08 -8.84 -4.94
N LEU B 162 23.74 -8.91 -3.67
CA LEU B 162 22.48 -8.39 -3.19
C LEU B 162 22.74 -7.22 -2.23
N LYS B 163 22.04 -6.12 -2.43
CA LYS B 163 22.14 -4.99 -1.54
C LYS B 163 20.76 -4.64 -1.00
N LEU B 164 20.66 -4.54 0.32
CA LEU B 164 19.45 -4.12 1.01
C LEU B 164 19.28 -2.61 0.91
N CYS B 165 18.06 -2.15 0.63
CA CYS B 165 17.83 -0.72 0.40
C CYS B 165 16.56 -0.26 1.12
N ASP B 166 16.22 1.01 0.91
CA ASP B 166 15.12 1.72 1.57
C ASP B 166 15.11 1.57 3.09
N PHE B 167 15.69 2.55 3.78
CA PHE B 167 15.74 2.57 5.23
C PHE B 167 14.74 3.54 5.84
N GLY B 168 13.71 3.93 5.07
CA GLY B 168 12.69 4.85 5.54
C GLY B 168 11.75 4.30 6.61
N SER B 169 11.74 3.00 6.87
CA SER B 169 10.97 2.43 7.97
C SER B 169 11.88 2.01 9.11
N ALA B 170 13.18 2.10 8.93
CA ALA B 170 14.12 1.50 9.87
C ALA B 170 14.21 2.33 11.15
N LYS B 171 14.55 1.66 12.24
CA LYS B 171 14.63 2.35 13.52
C LYS B 171 15.60 1.63 14.43
N GLN B 172 16.35 2.44 15.18
CA GLN B 172 17.14 1.96 16.31
C GLN B 172 16.21 1.61 17.46
N LEU B 173 16.02 0.32 17.73
CA LEU B 173 15.09 -0.12 18.79
C LEU B 173 15.70 0.17 20.15
N VAL B 174 15.10 1.11 20.89
CA VAL B 174 15.54 1.47 22.23
C VAL B 174 14.73 0.66 23.25
N ARG B 175 15.45 -0.07 24.11
CA ARG B 175 14.82 -0.85 25.17
C ARG B 175 13.82 -0.03 25.97
N GLY B 176 12.56 -0.45 25.96
CA GLY B 176 11.54 0.15 26.79
C GLY B 176 10.82 1.35 26.19
N GLU B 177 11.41 2.00 25.19
CA GLU B 177 10.64 2.97 24.41
C GLU B 177 9.80 2.21 23.38
N PRO B 178 8.51 2.51 23.26
CA PRO B 178 7.62 1.70 22.42
C PRO B 178 7.82 1.98 20.94
N ASN B 179 7.27 1.07 20.12
CA ASN B 179 7.35 1.19 18.67
C ASN B 179 5.98 0.98 18.04
N VAL B 180 5.84 1.43 16.80
CA VAL B 180 4.57 1.36 16.11
CA VAL B 180 4.57 1.36 16.10
C VAL B 180 4.33 -0.07 15.63
N SER B 181 3.09 -0.54 15.78
CA SER B 181 2.79 -1.93 15.42
CA SER B 181 2.75 -1.92 15.42
C SER B 181 2.55 -2.10 13.92
N ILE B 183 3.77 -1.50 10.96
CA ILE B 183 4.82 -1.29 9.97
C ILE B 183 4.97 -2.57 9.18
N CYS B 184 5.92 -2.52 8.23
CA CYS B 184 6.22 -3.61 7.28
CA CYS B 184 6.23 -3.60 7.28
C CYS B 184 5.12 -3.70 6.24
N SER B 185 5.47 -4.15 5.04
CA SER B 185 4.45 -4.52 4.06
C SER B 185 3.64 -5.70 4.58
N ARG B 186 2.32 -5.67 4.32
CA ARG B 186 1.38 -6.60 4.95
C ARG B 186 1.80 -8.06 4.80
N TYR B 187 2.08 -8.48 3.57
CA TYR B 187 2.47 -9.87 3.33
C TYR B 187 3.66 -10.29 4.18
N TYR B 188 4.54 -9.35 4.50
CA TYR B 188 5.80 -9.63 5.20
C TYR B 188 5.76 -9.24 6.69
N ARG B 189 4.61 -8.79 7.21
CA ARG B 189 4.46 -8.36 8.58
C ARG B 189 4.44 -9.54 9.56
N ALA B 190 5.35 -9.52 10.53
CA ALA B 190 5.36 -10.53 11.57
C ALA B 190 4.06 -10.50 12.38
N PRO B 191 3.65 -11.65 12.92
CA PRO B 191 2.37 -11.72 13.65
C PRO B 191 2.35 -10.92 14.95
N GLU B 192 3.47 -10.74 15.65
CA GLU B 192 3.46 -9.87 16.83
C GLU B 192 2.92 -8.48 16.47
N LEU B 193 3.33 -7.94 15.32
CA LEU B 193 2.82 -6.66 14.86
C LEU B 193 1.32 -6.69 14.60
N ILE B 194 0.84 -7.73 13.93
CA ILE B 194 -0.59 -7.84 13.69
C ILE B 194 -1.36 -7.88 15.01
N PHE B 195 -0.76 -8.45 16.05
CA PHE B 195 -1.30 -8.50 17.40
C PHE B 195 -1.10 -7.20 18.16
N GLY B 196 -0.74 -6.11 17.47
CA GLY B 196 -0.57 -4.83 18.11
C GLY B 196 0.64 -4.68 19.01
N ALA B 197 1.60 -5.60 18.99
CA ALA B 197 2.75 -5.43 19.86
C ALA B 197 3.43 -4.10 19.61
N THR B 198 4.03 -3.54 20.65
CA THR B 198 4.81 -2.33 20.51
C THR B 198 6.19 -2.46 21.15
N ASP B 199 6.47 -3.60 21.80
CA ASP B 199 7.75 -3.89 22.44
C ASP B 199 8.53 -5.00 21.72
N TYR B 200 8.50 -5.02 20.39
CA TYR B 200 9.02 -6.14 19.64
C TYR B 200 10.52 -6.06 19.43
N THR B 201 11.08 -7.06 18.76
CA THR B 201 12.53 -7.18 18.54
C THR B 201 12.85 -7.10 17.04
N SER B 202 14.14 -7.20 16.73
CA SER B 202 14.58 -7.29 15.33
C SER B 202 14.24 -8.65 14.72
N SER B 203 13.70 -9.57 15.51
CA SER B 203 13.16 -10.81 14.95
C SER B 203 12.02 -10.55 13.96
N ILE B 204 11.41 -9.36 13.95
CA ILE B 204 10.38 -9.14 12.96
C ILE B 204 10.97 -9.14 11.55
N ASP B 205 12.25 -8.71 11.43
CA ASP B 205 12.94 -8.74 10.15
C ASP B 205 13.18 -10.18 9.70
N VAL B 206 13.52 -11.05 10.65
CA VAL B 206 13.69 -12.48 10.38
C VAL B 206 12.40 -13.08 9.87
N TRP B 207 11.27 -12.71 10.48
CA TRP B 207 10.02 -13.22 9.96
C TRP B 207 9.84 -12.79 8.51
N SER B 208 10.08 -11.50 8.25
CA SER B 208 10.00 -10.99 6.87
C SER B 208 10.90 -11.79 5.93
N ALA B 209 12.16 -12.01 6.33
CA ALA B 209 13.10 -12.73 5.48
C ALA B 209 12.59 -14.12 5.11
N GLY B 210 11.96 -14.82 6.06
CA GLY B 210 11.40 -16.14 5.76
C GLY B 210 10.19 -16.09 4.83
N CYS B 211 9.44 -14.99 4.86
CA CYS B 211 8.37 -14.80 3.89
C CYS B 211 8.93 -14.68 2.49
N VAL B 212 10.07 -14.00 2.36
CA VAL B 212 10.74 -13.87 1.08
C VAL B 212 11.23 -15.25 0.60
N LEU B 213 11.87 -16.01 1.51
CA LEU B 213 12.40 -17.32 1.16
C LEU B 213 11.28 -18.24 0.71
N ALA B 214 10.23 -18.33 1.51
CA ALA B 214 9.08 -19.11 1.11
C ALA B 214 8.54 -18.62 -0.23
N GLU B 215 8.50 -17.30 -0.43
CA GLU B 215 7.96 -16.77 -1.67
C GLU B 215 8.81 -17.19 -2.89
N LEU B 216 10.13 -17.31 -2.75
CA LEU B 216 10.95 -17.76 -3.86
C LEU B 216 10.78 -19.26 -4.10
N LEU B 217 10.62 -20.03 -3.02
CA LEU B 217 10.36 -21.46 -3.16
C LEU B 217 9.05 -21.72 -3.90
N LEU B 218 8.01 -20.94 -3.60
CA LEU B 218 6.66 -21.18 -4.11
C LEU B 218 6.36 -20.51 -5.43
N GLY B 219 7.08 -19.45 -5.80
CA GLY B 219 6.69 -18.62 -6.93
C GLY B 219 5.52 -17.69 -6.70
N GLN B 220 5.07 -17.53 -5.47
CA GLN B 220 4.06 -16.54 -5.10
C GLN B 220 4.23 -16.23 -3.62
N PRO B 221 3.60 -15.16 -3.12
CA PRO B 221 3.68 -14.89 -1.66
C PRO B 221 2.99 -15.96 -0.85
N ILE B 222 3.63 -16.37 0.26
CA ILE B 222 3.04 -17.46 1.04
C ILE B 222 1.81 -17.01 1.87
N PHE B 223 1.77 -15.77 2.34
CA PHE B 223 0.67 -15.26 3.17
C PHE B 223 0.07 -14.01 2.54
N PRO B 224 -0.84 -14.16 1.57
CA PRO B 224 -1.40 -12.96 0.89
C PRO B 224 -2.69 -12.43 1.50
N GLY B 225 -2.57 -11.82 2.67
CA GLY B 225 -3.73 -11.25 3.32
C GLY B 225 -4.26 -10.05 2.56
N ASP B 226 -5.58 -9.95 2.46
CA ASP B 226 -6.16 -8.79 1.81
C ASP B 226 -6.45 -7.64 2.79
N SER B 227 -5.97 -7.75 4.02
CA SER B 227 -6.00 -6.63 4.96
C SER B 227 -4.98 -6.92 6.05
N GLY B 228 -4.69 -5.85 6.84
CA GLY B 228 -3.83 -5.99 8.01
C GLY B 228 -4.30 -7.07 8.98
N VAL B 229 -5.60 -7.35 9.02
CA VAL B 229 -6.14 -8.40 9.88
C VAL B 229 -6.30 -9.72 9.13
N ASP B 230 -6.74 -9.69 7.87
CA ASP B 230 -6.80 -10.92 7.09
C ASP B 230 -5.41 -11.55 6.97
N GLN B 231 -4.36 -10.73 7.06
CA GLN B 231 -3.01 -11.23 7.09
C GLN B 231 -2.86 -12.35 8.11
N LEU B 232 -3.36 -12.14 9.33
CA LEU B 232 -3.24 -13.16 10.36
C LEU B 232 -3.96 -14.45 9.97
N VAL B 233 -5.07 -14.34 9.27
CA VAL B 233 -5.81 -15.52 8.86
C VAL B 233 -4.98 -16.37 7.91
N GLU B 234 -4.43 -15.73 6.86
CA GLU B 234 -3.54 -16.45 5.95
C GLU B 234 -2.41 -17.14 6.71
N ILE B 235 -1.80 -16.45 7.67
CA ILE B 235 -0.77 -17.08 8.49
C ILE B 235 -1.30 -18.34 9.15
N ILE B 236 -2.51 -18.25 9.72
CA ILE B 236 -3.08 -19.35 10.49
C ILE B 236 -3.34 -20.56 9.60
N LYS B 237 -3.77 -20.33 8.36
CA LYS B 237 -3.96 -21.42 7.39
C LYS B 237 -2.73 -22.34 7.25
N VAL B 238 -1.54 -21.86 7.60
CA VAL B 238 -0.32 -22.64 7.48
C VAL B 238 0.22 -23.04 8.86
N LEU B 239 0.39 -22.07 9.77
CA LEU B 239 0.90 -22.35 11.11
CA LEU B 239 0.90 -22.37 11.09
C LEU B 239 -0.17 -22.88 12.05
N GLY B 240 -1.45 -22.74 11.72
CA GLY B 240 -2.50 -23.10 12.63
C GLY B 240 -2.63 -22.07 13.75
N THR B 241 -3.66 -22.24 14.57
CA THR B 241 -3.94 -21.33 15.67
C THR B 241 -2.75 -21.26 16.63
N PRO B 242 -2.20 -20.07 16.89
CA PRO B 242 -1.12 -19.97 17.88
C PRO B 242 -1.62 -20.30 19.27
N THR B 243 -0.75 -20.92 20.06
CA THR B 243 -1.11 -21.31 21.41
C THR B 243 -1.15 -20.11 22.34
N ARG B 244 -1.83 -20.29 23.48
CA ARG B 244 -1.94 -19.23 24.49
C ARG B 244 -0.57 -18.68 24.80
N GLU B 245 0.44 -19.57 24.90
CA GLU B 245 1.79 -19.13 25.21
C GLU B 245 2.37 -18.32 24.04
N GLN B 246 2.02 -18.71 22.81
CA GLN B 246 2.50 -17.96 21.65
C GLN B 246 1.84 -16.58 21.58
N ILE B 247 0.54 -16.50 21.89
CA ILE B 247 -0.12 -15.20 22.01
C ILE B 247 0.63 -14.32 23.01
N ARG B 248 0.95 -14.86 24.19
CA ARG B 248 1.61 -14.07 25.23
C ARG B 248 2.99 -13.62 24.78
N GLU B 249 3.74 -14.50 24.11
CA GLU B 249 5.10 -14.17 23.68
C GLU B 249 5.12 -13.14 22.57
N MET B 250 4.04 -13.02 21.80
CA MET B 250 3.95 -12.00 20.77
C MET B 250 3.43 -10.68 21.31
N ASN B 251 2.49 -10.72 22.26
CA ASN B 251 2.02 -9.49 22.89
C ASN B 251 1.44 -9.81 24.28
N PRO B 252 2.12 -9.42 25.36
CA PRO B 252 1.59 -9.76 26.69
C PRO B 252 0.24 -9.11 27.01
N ASN B 253 0.02 -7.88 26.59
CA ASN B 253 -1.31 -7.28 26.69
C ASN B 253 -2.30 -8.12 25.90
N TYR B 254 -3.59 -7.87 26.15
CA TYR B 254 -4.70 -8.57 25.47
C TYR B 254 -5.21 -7.73 24.28
N THR B 255 -5.52 -8.46 23.20
CA THR B 255 -5.76 -7.92 21.82
C THR B 255 -7.18 -8.08 21.24
N GLU B 256 -8.21 -8.20 22.07
CA GLU B 256 -9.62 -8.26 21.61
C GLU B 256 -9.82 -9.20 20.41
N PHE B 257 -8.99 -10.22 20.23
CA PHE B 257 -9.32 -11.14 19.11
C PHE B 257 -9.10 -12.58 19.54
N LYS B 258 -10.15 -13.41 19.44
CA LYS B 258 -10.01 -14.85 19.75
C LYS B 258 -10.21 -15.62 18.46
N PHE B 259 -9.70 -16.84 18.42
CA PHE B 259 -9.78 -17.67 17.24
C PHE B 259 -10.25 -19.07 17.63
N PRO B 260 -10.94 -19.75 16.72
CA PRO B 260 -11.16 -21.19 16.92
C PRO B 260 -9.87 -21.97 16.73
N GLN B 261 -9.88 -23.22 17.17
CA GLN B 261 -8.73 -24.09 17.00
C GLN B 261 -8.62 -24.50 15.54
N ILE B 262 -7.47 -24.23 14.93
CA ILE B 262 -7.19 -24.59 13.54
C ILE B 262 -5.87 -25.33 13.48
N LYS B 263 -5.84 -26.42 12.71
CA LYS B 263 -4.73 -27.34 12.67
C LYS B 263 -3.59 -26.78 11.82
N ALA B 264 -2.36 -27.15 12.16
CA ALA B 264 -1.23 -26.74 11.36
C ALA B 264 -1.11 -27.64 10.13
N HIS B 265 -0.98 -27.02 8.97
CA HIS B 265 -0.71 -27.75 7.73
C HIS B 265 0.77 -28.09 7.67
N PRO B 266 1.14 -29.33 7.36
CA PRO B 266 2.55 -29.73 7.45
C PRO B 266 3.43 -28.93 6.51
N TRP B 267 4.60 -28.51 7.01
CA TRP B 267 5.50 -27.67 6.24
C TRP B 267 5.89 -28.32 4.92
N THR B 268 5.96 -29.65 4.90
CA THR B 268 6.42 -30.35 3.71
C THR B 268 5.41 -30.25 2.57
N LYS B 269 4.13 -30.27 2.90
CA LYS B 269 3.09 -30.13 1.89
C LYS B 269 2.85 -28.68 1.49
N VAL B 270 3.56 -27.73 2.11
CA VAL B 270 3.35 -26.33 1.78
C VAL B 270 4.08 -25.99 0.49
N PHE B 271 5.18 -26.68 0.18
CA PHE B 271 5.95 -26.35 -0.99
C PHE B 271 5.78 -27.41 -2.07
N ARG B 272 6.35 -27.12 -3.24
CA ARG B 272 6.22 -27.98 -4.40
C ARG B 272 6.98 -29.30 -4.18
N PRO B 273 6.52 -30.39 -4.86
CA PRO B 273 7.09 -31.73 -4.65
C PRO B 273 8.59 -31.84 -4.42
N ARG B 274 9.42 -31.36 -5.33
CA ARG B 274 10.86 -31.54 -5.13
C ARG B 274 11.52 -30.32 -4.50
N THR B 275 10.89 -29.70 -3.50
CA THR B 275 11.53 -28.58 -2.80
C THR B 275 12.61 -29.11 -1.87
N PRO B 276 13.80 -28.52 -1.87
CA PRO B 276 14.90 -29.06 -1.06
C PRO B 276 14.57 -29.05 0.42
N PRO B 277 14.67 -30.19 1.10
CA PRO B 277 14.27 -30.24 2.51
C PRO B 277 14.98 -29.20 3.37
N GLU B 278 16.25 -28.88 3.08
CA GLU B 278 16.94 -27.85 3.85
C GLU B 278 16.31 -26.47 3.67
N ALA B 279 15.76 -26.17 2.49
CA ALA B 279 14.99 -24.95 2.34
C ALA B 279 13.76 -24.97 3.23
N ILE B 280 13.01 -26.08 3.20
CA ILE B 280 11.83 -26.21 4.05
C ILE B 280 12.20 -26.11 5.52
N ALA B 281 13.31 -26.74 5.92
CA ALA B 281 13.72 -26.69 7.33
C ALA B 281 14.08 -25.27 7.77
N LEU B 282 14.84 -24.54 6.94
CA LEU B 282 15.13 -23.14 7.27
C LEU B 282 13.84 -22.36 7.45
N CYS B 283 12.88 -22.54 6.53
CA CYS B 283 11.59 -21.86 6.66
C CYS B 283 10.93 -22.16 8.00
N SER B 284 10.89 -23.43 8.39
CA SER B 284 10.22 -23.78 9.64
C SER B 284 10.85 -23.06 10.82
N ARG B 285 12.18 -22.87 10.81
CA ARG B 285 12.84 -22.17 11.92
C ARG B 285 12.83 -20.65 11.78
N LEU B 286 12.22 -20.11 10.73
CA LEU B 286 12.06 -18.67 10.54
C LEU B 286 10.64 -18.20 10.81
N LEU B 287 9.64 -18.93 10.34
CA LEU B 287 8.24 -18.55 10.49
C LEU B 287 7.64 -19.22 11.73
N GLU B 288 8.18 -18.80 12.87
CA GLU B 288 7.66 -19.17 14.18
C GLU B 288 6.79 -18.03 14.69
N TYR B 289 5.73 -18.37 15.40
CA TYR B 289 4.97 -17.36 16.14
C TYR B 289 5.83 -16.72 17.21
N THR B 290 6.51 -17.53 18.01
CA THR B 290 7.29 -17.03 19.14
C THR B 290 8.50 -16.26 18.63
N PRO B 291 8.55 -14.94 18.81
CA PRO B 291 9.67 -14.17 18.25
C PRO B 291 11.04 -14.68 18.68
N THR B 292 11.16 -15.16 19.91
CA THR B 292 12.39 -15.73 20.41
C THR B 292 12.70 -17.11 19.82
N ALA B 293 11.78 -17.72 19.10
CA ALA B 293 12.10 -19.02 18.53
C ALA B 293 12.85 -18.89 17.21
N ARG B 294 12.65 -17.82 16.46
CA ARG B 294 13.24 -17.67 15.12
C ARG B 294 14.76 -17.53 15.18
N LEU B 295 15.42 -18.08 14.16
CA LEU B 295 16.87 -17.98 14.08
C LEU B 295 17.30 -16.52 14.05
N THR B 296 18.51 -16.26 14.54
CA THR B 296 19.16 -15.00 14.26
C THR B 296 19.70 -15.00 12.83
N PRO B 297 19.92 -13.82 12.24
CA PRO B 297 20.48 -13.81 10.89
C PRO B 297 21.82 -14.56 10.80
N LEU B 298 22.71 -14.39 11.78
CA LEU B 298 23.97 -15.12 11.76
C LEU B 298 23.72 -16.62 11.77
N GLU B 299 22.81 -17.08 12.62
CA GLU B 299 22.51 -18.51 12.67
C GLU B 299 21.89 -18.99 11.37
N ALA B 300 21.15 -18.11 10.69
CA ALA B 300 20.50 -18.50 9.44
C ALA B 300 21.53 -18.64 8.33
N CYS B 301 22.44 -17.66 8.20
CA CYS B 301 23.58 -17.80 7.29
C CYS B 301 24.28 -19.12 7.52
N ALA B 302 24.45 -19.50 8.79
CA ALA B 302 25.09 -20.75 9.17
C ALA B 302 24.28 -22.00 8.80
N HIS B 303 23.02 -21.84 8.39
CA HIS B 303 22.14 -22.98 8.16
C HIS B 303 22.64 -23.84 6.99
N SER B 304 22.34 -25.14 7.06
CA SER B 304 22.85 -26.09 6.09
CA SER B 304 22.87 -26.07 6.08
C SER B 304 22.32 -25.83 4.69
N PHE B 305 21.18 -25.14 4.57
CA PHE B 305 20.64 -24.80 3.25
C PHE B 305 21.64 -23.99 2.43
N PHE B 306 22.53 -23.25 3.10
CA PHE B 306 23.54 -22.43 2.46
C PHE B 306 24.90 -23.14 2.32
N ASP B 307 24.99 -24.43 2.66
CA ASP B 307 26.30 -25.08 2.68
C ASP B 307 26.94 -25.10 1.29
N GLU B 308 26.13 -25.31 0.24
CA GLU B 308 26.63 -25.24 -1.12
C GLU B 308 27.33 -23.92 -1.43
N LEU B 309 26.98 -22.84 -0.71
CA LEU B 309 27.70 -21.58 -0.90
C LEU B 309 29.09 -21.61 -0.28
N ARG B 310 29.35 -22.54 0.64
CA ARG B 310 30.64 -22.63 1.29
C ARG B 310 31.55 -23.66 0.64
N ASP B 311 31.03 -24.42 -0.30
CA ASP B 311 31.86 -25.32 -1.08
C ASP B 311 32.92 -24.50 -1.84
N PRO B 312 34.17 -24.98 -1.90
CA PRO B 312 35.22 -24.19 -2.58
C PRO B 312 35.06 -24.15 -4.09
N ASN B 313 34.35 -25.09 -4.68
CA ASN B 313 34.19 -25.17 -6.13
C ASN B 313 32.88 -24.56 -6.63
N VAL B 314 32.07 -23.99 -5.74
CA VAL B 314 30.78 -23.45 -6.17
C VAL B 314 31.00 -22.31 -7.16
N LYS B 315 30.15 -22.25 -8.19
CA LYS B 315 30.24 -21.21 -9.20
C LYS B 315 28.87 -20.58 -9.42
N LEU B 316 28.87 -19.35 -9.92
CA LEU B 316 27.66 -18.79 -10.47
C LEU B 316 27.24 -19.53 -11.74
N PRO B 317 25.94 -19.63 -12.01
CA PRO B 317 25.50 -20.28 -13.26
C PRO B 317 26.08 -19.68 -14.54
N ASN B 318 26.55 -18.44 -14.50
CA ASN B 318 27.18 -17.85 -15.68
C ASN B 318 28.68 -18.12 -15.69
N GLY B 319 29.13 -19.14 -14.98
CA GLY B 319 30.51 -19.53 -14.99
C GLY B 319 31.41 -18.72 -14.08
N ARG B 320 30.92 -17.61 -13.55
CA ARG B 320 31.72 -16.69 -12.76
C ARG B 320 31.78 -17.14 -11.31
N ASP B 321 32.59 -16.44 -10.53
CA ASP B 321 32.74 -16.77 -9.11
C ASP B 321 31.61 -16.15 -8.29
N THR B 322 31.36 -16.76 -7.14
CA THR B 322 30.41 -16.22 -6.19
C THR B 322 30.93 -14.89 -5.64
N PRO B 323 30.05 -14.01 -5.16
CA PRO B 323 30.53 -12.79 -4.52
C PRO B 323 31.19 -13.12 -3.18
N ALA B 324 31.79 -12.10 -2.58
CA ALA B 324 32.50 -12.29 -1.31
C ALA B 324 31.50 -12.61 -0.22
N LEU B 325 31.46 -13.87 0.22
CA LEU B 325 30.46 -14.33 1.17
C LEU B 325 31.01 -14.64 2.55
N PHE B 326 32.32 -14.43 2.77
CA PHE B 326 32.91 -14.78 4.04
C PHE B 326 33.80 -13.67 4.59
N ASN B 327 33.90 -12.54 3.92
CA ASN B 327 34.74 -11.49 4.48
C ASN B 327 34.01 -10.85 5.66
N PHE B 328 33.83 -11.62 6.72
CA PHE B 328 33.14 -11.12 7.90
C PHE B 328 34.06 -10.21 8.70
N THR B 329 33.50 -9.13 9.22
CA THR B 329 34.17 -8.33 10.24
C THR B 329 33.78 -8.85 11.62
N THR B 330 34.52 -8.39 12.64
CA THR B 330 34.26 -8.90 14.00
C THR B 330 32.94 -8.38 14.56
N GLN B 331 32.51 -7.19 14.14
CA GLN B 331 31.18 -6.72 14.53
C GLN B 331 30.10 -7.62 13.94
N GLU B 332 30.25 -8.04 12.68
CA GLU B 332 29.29 -8.96 12.07
C GLU B 332 29.18 -10.22 12.89
N LEU B 333 30.32 -10.76 13.32
CA LEU B 333 30.36 -11.96 14.13
C LEU B 333 30.31 -11.68 15.63
N SER B 334 30.02 -10.43 16.02
CA SER B 334 30.07 -10.06 17.44
C SER B 334 29.03 -10.81 18.25
N SER B 335 27.83 -11.00 17.70
CA SER B 335 26.72 -11.57 18.44
C SER B 335 26.95 -13.03 18.82
N ASN B 336 27.83 -13.72 18.11
CA ASN B 336 28.04 -15.15 18.30
C ASN B 336 29.34 -15.55 17.61
N PRO B 337 30.49 -15.12 18.12
CA PRO B 337 31.78 -15.33 17.40
C PRO B 337 32.08 -16.79 17.11
N PRO B 338 31.74 -17.74 18.00
CA PRO B 338 32.00 -19.15 17.65
C PRO B 338 31.48 -19.57 16.29
N LEU B 339 30.45 -18.90 15.76
CA LEU B 339 29.87 -19.30 14.49
C LEU B 339 30.86 -19.18 13.34
N ALA B 340 31.91 -18.37 13.51
CA ALA B 340 32.89 -18.19 12.46
C ALA B 340 33.51 -19.51 11.99
N THR B 341 33.56 -20.52 12.88
CA THR B 341 34.07 -21.81 12.46
C THR B 341 33.22 -22.43 11.36
N ILE B 342 31.91 -22.16 11.36
CA ILE B 342 31.06 -22.68 10.30
C ILE B 342 30.88 -21.66 9.18
N LEU B 343 30.95 -20.36 9.48
CA LEU B 343 30.67 -19.35 8.48
C LEU B 343 31.86 -19.10 7.57
N ILE B 344 33.07 -19.23 8.10
CA ILE B 344 34.27 -19.03 7.29
C ILE B 344 34.87 -20.41 7.01
N PRO B 345 34.65 -20.98 5.83
CA PRO B 345 35.10 -22.34 5.57
C PRO B 345 36.62 -22.38 5.48
N PRO B 346 37.22 -23.57 5.61
CA PRO B 346 38.69 -23.67 5.52
C PRO B 346 39.29 -22.96 4.32
N HIS B 347 38.81 -23.23 3.11
CA HIS B 347 39.39 -22.66 1.90
C HIS B 347 39.31 -21.15 1.83
N ALA B 348 38.94 -20.49 2.94
CA ALA B 348 38.75 -19.05 2.96
C ALA B 348 39.58 -18.35 4.03
N ARG B 349 40.48 -19.08 4.70
CA ARG B 349 41.31 -18.51 5.77
C ARG B 349 42.77 -18.49 5.34
N ILE B 350 43.43 -17.35 5.53
CA ILE B 350 44.86 -17.23 5.26
C ILE B 350 45.45 -16.01 5.97
N GLY C 1 -8.64 28.12 -28.35
CA GLY C 1 -9.36 26.87 -28.10
C GLY C 1 -9.28 25.96 -29.31
N SER C 2 -8.20 25.19 -29.41
CA SER C 2 -7.92 24.33 -30.56
C SER C 2 -8.12 22.86 -30.17
N HIS C 3 -7.77 21.94 -31.08
CA HIS C 3 -8.31 20.59 -31.11
C HIS C 3 -7.22 19.52 -31.01
N GLY C 4 -6.96 19.06 -29.78
CA GLY C 4 -6.18 17.86 -29.57
C GLY C 4 -7.09 16.75 -29.06
N HIS C 5 -7.57 15.91 -29.97
CA HIS C 5 -8.66 14.98 -29.67
C HIS C 5 -8.25 13.94 -28.63
N HIS C 6 -9.18 13.58 -27.78
CA HIS C 6 -8.96 12.50 -26.82
C HIS C 6 -9.81 11.29 -27.21
N HIS C 7 -9.19 10.12 -27.04
CA HIS C 7 -9.81 8.80 -27.04
C HIS C 7 -11.33 8.72 -27.12
N HIS C 8 -11.80 8.05 -28.14
CA HIS C 8 -13.22 7.74 -28.34
C HIS C 8 -13.49 6.34 -27.80
#